data_6SH6
#
_entry.id   6SH6
#
_cell.length_a   82.855
_cell.length_b   91.212
_cell.length_c   212.839
_cell.angle_alpha   90.000
_cell.angle_beta   90.000
_cell.angle_gamma   90.000
#
_symmetry.space_group_name_H-M   'C 2 2 21'
#
loop_
_entity.id
_entity.type
_entity.pdbx_description
1 polymer 'Pre-mRNA-splicing factor ATP-dependent RNA helicase DHX15'
2 polymer 'NF-kappa-B-repressing factor'
3 non-polymer "ADENOSINE-5'-DIPHOSPHATE"
4 non-polymer 1,2-ETHANEDIOL
5 non-polymer 'MAGNESIUM ION'
6 water water
#
loop_
_entity_poly.entity_id
_entity_poly.type
_entity_poly.pdbx_seq_one_letter_code
_entity_poly.pdbx_strand_id
1 'polypeptide(L)'
;GPHMLEQCINPFTNLPHTPRYYDILKKRLQLPVWEYKDRFTDILVRHQSFVLVGETGSGKTTQIPQWCVEYMRSLPGPKR
GVACTQPRRVAAMSVAQRVADEMDVMLGQEVGYSIRFEDCSSAKTILKYMTDGMLLREAMNDPLLERYGVIILDEAHERT
LATDILMGVLKEVVRQRSDLKVIVMSATLDAGKFQIYFDNCPLLTIPGRTHPVEIFYTPEPERDYLEAAIRTVIQIHMCE
EEEGDLLLFLTGQEEIDEACKRIKREVDDLGPEVGDIKIIPLYSTLPPQQQQRIFEPPPPKKQNGAIGRKVVVSTNIAET
SLTIDGVVFVIDPGFAKQKVYNPRIRVESLLVTAISKASAQQRAGRAGRTRPGKCFRLYTEKAYKTEMQDNTYPEILRSN
LGSVVLQLKKLGIDDLVHFDFMDPPAPETLMRALELLNYLAALNDDGDLTELGSMMAEFPLDPQLAKMVIASCDYNCSNE
VLSITAMLSVPQCFVRPTEAKKAADEAKMRFAHIDGDHLTLLNVYHAFKQNHESVQWCYDNFINYRSLMSADNVRQQLSR
IMDRFNLPRRSTDFTSRDYYINIRKALVTGYFMQVAHLERTGHYLTVKDNQVVQLHPSTVLDHKPEWVLYNEFVLTTKNY
IRTCTDIKPEWLVKIAPQYYDMSNFPQCEAKRQLDRIIAKLQSKEYSQY
;
A
2 'polypeptide(L)' GPHMAEEAYKQQIKEDNIGNQLLRKMGWTGGGLGKSGEGIREPISVKEQHKREGLGLDVERVNKIAK B
#
loop_
_chem_comp.id
_chem_comp.type
_chem_comp.name
_chem_comp.formula
ADP non-polymer ADENOSINE-5'-DIPHOSPHATE 'C10 H15 N5 O10 P2'
EDO non-polymer 1,2-ETHANEDIOL 'C2 H6 O2'
MG non-polymer 'MAGNESIUM ION' 'Mg 2'
#
# COMPACT_ATOMS: atom_id res chain seq x y z
N PRO A 2 19.54 -10.69 32.63
CA PRO A 2 20.38 -9.50 32.44
C PRO A 2 21.75 -9.83 31.82
N HIS A 3 22.42 -10.88 32.32
CA HIS A 3 23.65 -11.39 31.71
C HIS A 3 23.46 -12.89 31.44
N MET A 4 23.35 -13.27 30.17
CA MET A 4 23.20 -14.65 29.77
C MET A 4 24.51 -15.18 29.15
N LEU A 5 24.83 -16.44 29.44
CA LEU A 5 25.98 -17.06 28.81
C LEU A 5 25.82 -17.02 27.29
N GLU A 6 26.83 -16.50 26.62
CA GLU A 6 26.88 -16.44 25.17
C GLU A 6 28.19 -17.09 24.75
N GLN A 7 28.14 -18.39 24.48
CA GLN A 7 29.28 -19.00 23.83
C GLN A 7 29.33 -18.55 22.37
N CYS A 8 30.44 -18.82 21.70
CA CYS A 8 30.56 -18.40 20.30
CA CYS A 8 30.61 -18.45 20.31
C CYS A 8 29.96 -19.47 19.37
N ILE A 9 28.69 -19.78 19.62
CA ILE A 9 27.93 -20.71 18.79
C ILE A 9 26.65 -20.01 18.38
N ASN A 10 26.00 -20.57 17.37
CA ASN A 10 24.69 -20.08 16.98
C ASN A 10 23.68 -20.55 18.02
N PRO A 11 23.01 -19.65 18.74
CA PRO A 11 22.11 -20.10 19.81
C PRO A 11 20.85 -20.83 19.29
N PHE A 12 20.52 -20.71 18.00
CA PHE A 12 19.41 -21.46 17.43
C PHE A 12 19.82 -22.84 16.94
N THR A 13 21.08 -23.03 16.53
CA THR A 13 21.56 -24.36 16.13
C THR A 13 22.50 -25.02 17.12
N ASN A 14 23.06 -24.29 18.08
CA ASN A 14 24.10 -24.80 18.97
C ASN A 14 25.28 -25.37 18.19
N LEU A 15 25.59 -24.73 17.06
CA LEU A 15 26.70 -25.04 16.17
C LEU A 15 27.44 -23.73 15.92
N PRO A 16 28.72 -23.79 15.53
CA PRO A 16 29.45 -22.55 15.23
C PRO A 16 28.72 -21.73 14.18
N HIS A 17 28.91 -20.41 14.27
CA HIS A 17 28.45 -19.49 13.23
C HIS A 17 29.24 -19.71 11.94
N THR A 18 28.62 -19.32 10.83
CA THR A 18 29.25 -19.44 9.53
C THR A 18 30.28 -18.34 9.32
N PRO A 19 31.25 -18.54 8.42
CA PRO A 19 32.16 -17.45 8.05
C PRO A 19 31.44 -16.17 7.65
N ARG A 20 30.37 -16.28 6.87
CA ARG A 20 29.65 -15.09 6.41
C ARG A 20 29.05 -14.32 7.57
N TYR A 21 28.51 -15.02 8.57
CA TYR A 21 27.99 -14.37 9.78
C TYR A 21 28.97 -13.36 10.33
N TYR A 22 30.25 -13.74 10.39
CA TYR A 22 31.25 -12.89 11.00
C TYR A 22 31.68 -11.77 10.07
N ASP A 23 31.75 -12.03 8.76
CA ASP A 23 31.96 -10.95 7.81
C ASP A 23 30.86 -9.90 7.93
N ILE A 24 29.59 -10.31 7.92
CA ILE A 24 28.52 -9.33 8.08
C ILE A 24 28.64 -8.62 9.43
N LEU A 25 29.03 -9.35 10.47
CA LEU A 25 29.07 -8.74 11.80
C LEU A 25 30.09 -7.62 11.85
N LYS A 26 31.23 -7.78 11.16
CA LYS A 26 32.23 -6.72 11.11
C LYS A 26 31.65 -5.43 10.58
N LYS A 27 30.81 -5.51 9.55
CA LYS A 27 30.26 -4.31 8.95
C LYS A 27 29.18 -3.68 9.83
N ARG A 28 28.29 -4.49 10.40
CA ARG A 28 27.22 -3.84 11.14
C ARG A 28 27.67 -3.29 12.48
N LEU A 29 28.84 -3.71 13.01
CA LEU A 29 29.33 -3.02 14.20
C LEU A 29 29.72 -1.58 13.90
N GLN A 30 29.91 -1.21 12.63
CA GLN A 30 30.20 0.17 12.26
C GLN A 30 28.95 1.02 12.01
N LEU A 31 27.76 0.44 12.06
CA LEU A 31 26.55 1.24 11.83
C LEU A 31 26.40 2.28 12.94
N PRO A 32 25.92 3.48 12.63
CA PRO A 32 25.77 4.51 13.66
C PRO A 32 25.04 4.05 14.92
N VAL A 33 24.07 3.13 14.81
CA VAL A 33 23.30 2.77 15.99
C VAL A 33 24.17 2.02 16.99
N TRP A 34 25.25 1.36 16.56
CA TRP A 34 25.93 0.45 17.49
C TRP A 34 26.55 1.18 18.68
N GLU A 35 27.06 2.40 18.46
CA GLU A 35 27.56 3.29 19.51
C GLU A 35 26.62 3.39 20.70
N TYR A 36 25.31 3.31 20.43
CA TYR A 36 24.27 3.59 21.40
C TYR A 36 23.68 2.33 22.01
N LYS A 37 24.30 1.16 21.78
CA LYS A 37 23.64 -0.08 22.19
C LYS A 37 23.34 -0.09 23.68
N ASP A 38 24.33 0.28 24.51
CA ASP A 38 24.11 0.24 25.95
C ASP A 38 23.07 1.28 26.40
N ARG A 39 23.13 2.48 25.82
CA ARG A 39 22.14 3.49 26.17
C ARG A 39 20.74 3.01 25.78
N PHE A 40 20.62 2.31 24.65
CA PHE A 40 19.34 1.70 24.25
C PHE A 40 18.91 0.66 25.27
N THR A 41 19.80 -0.27 25.61
CA THR A 41 19.47 -1.31 26.58
C THR A 41 19.01 -0.70 27.91
N ASP A 42 19.75 0.30 28.43
CA ASP A 42 19.42 0.95 29.69
C ASP A 42 18.01 1.53 29.67
N ILE A 43 17.58 2.05 28.53
CA ILE A 43 16.21 2.57 28.41
C ILE A 43 15.21 1.42 28.34
N LEU A 44 15.51 0.42 27.49
CA LEU A 44 14.57 -0.68 27.24
C LEU A 44 14.19 -1.37 28.54
N VAL A 45 15.15 -1.60 29.44
CA VAL A 45 14.85 -2.35 30.65
C VAL A 45 14.26 -1.47 31.73
N ARG A 46 14.13 -0.16 31.50
CA ARG A 46 13.57 0.71 32.53
C ARG A 46 12.23 1.35 32.15
N HIS A 47 11.82 1.29 30.88
CA HIS A 47 10.64 2.00 30.41
C HIS A 47 9.78 1.06 29.58
N GLN A 48 8.47 1.31 29.58
CA GLN A 48 7.61 0.44 28.79
C GLN A 48 7.59 0.86 27.32
N SER A 49 7.63 2.16 27.03
CA SER A 49 7.65 2.65 25.67
CA SER A 49 7.67 2.63 25.66
C SER A 49 8.73 3.71 25.50
N PHE A 50 9.31 3.79 24.30
CA PHE A 50 10.18 4.94 24.04
C PHE A 50 10.29 5.15 22.54
N VAL A 51 10.90 6.28 22.16
CA VAL A 51 11.00 6.73 20.77
C VAL A 51 12.47 6.72 20.38
N LEU A 52 12.77 6.19 19.20
CA LEU A 52 14.15 6.18 18.69
C LEU A 52 14.15 6.90 17.35
N VAL A 53 14.98 7.94 17.23
CA VAL A 53 15.01 8.79 16.04
C VAL A 53 16.41 8.73 15.45
N GLY A 54 16.51 8.44 14.15
CA GLY A 54 17.80 8.43 13.49
C GLY A 54 17.60 8.45 11.98
N GLU A 55 18.48 9.14 11.26
CA GLU A 55 18.35 9.24 9.81
C GLU A 55 18.31 7.87 9.17
N THR A 56 17.69 7.78 8.00
CA THR A 56 17.82 6.57 7.20
C THR A 56 19.29 6.22 7.00
N GLY A 57 19.62 4.93 7.09
CA GLY A 57 21.01 4.53 7.03
C GLY A 57 21.68 4.38 8.39
N SER A 58 20.95 4.67 9.46
CA SER A 58 21.51 4.60 10.82
C SER A 58 21.69 3.17 11.30
N GLY A 59 20.89 2.24 10.79
CA GLY A 59 20.84 0.88 11.30
C GLY A 59 19.63 0.55 12.15
N LYS A 60 18.58 1.37 12.13
CA LYS A 60 17.40 1.14 12.98
C LYS A 60 16.71 -0.18 12.64
N THR A 61 16.28 -0.35 11.39
CA THR A 61 15.43 -1.50 11.09
C THR A 61 16.18 -2.83 11.18
N THR A 62 17.45 -2.86 10.77
CA THR A 62 18.16 -4.15 10.87
C THR A 62 18.62 -4.46 12.30
N GLN A 63 19.14 -3.46 13.04
CA GLN A 63 19.83 -3.81 14.28
C GLN A 63 18.93 -3.81 15.51
N ILE A 64 18.07 -2.80 15.63
CA ILE A 64 17.27 -2.66 16.85
C ILE A 64 16.41 -3.88 17.11
N PRO A 65 15.72 -4.47 16.12
CA PRO A 65 14.95 -5.68 16.41
C PRO A 65 15.80 -6.85 16.87
N GLN A 66 17.05 -6.97 16.37
CA GLN A 66 17.95 -8.01 16.86
C GLN A 66 18.32 -7.79 18.32
N TRP A 67 18.54 -6.52 18.73
CA TRP A 67 18.77 -6.25 20.15
C TRP A 67 17.56 -6.62 20.98
N CYS A 68 16.35 -6.44 20.41
CA CYS A 68 15.16 -6.80 21.16
C CYS A 68 15.04 -8.30 21.32
N VAL A 69 15.42 -9.07 20.29
CA VAL A 69 15.50 -10.53 20.43
C VAL A 69 16.43 -10.92 21.56
N GLU A 70 17.61 -10.30 21.62
CA GLU A 70 18.54 -10.62 22.70
C GLU A 70 17.90 -10.32 24.04
N TYR A 71 17.19 -9.19 24.13
CA TYR A 71 16.47 -8.88 25.36
C TYR A 71 15.45 -9.97 25.69
N MET A 72 14.67 -10.40 24.70
CA MET A 72 13.64 -11.42 24.95
C MET A 72 14.27 -12.72 25.47
N ARG A 73 15.45 -13.09 24.97
CA ARG A 73 16.09 -14.33 25.39
CA ARG A 73 16.05 -14.35 25.40
C ARG A 73 16.52 -14.30 26.85
N SER A 74 16.59 -13.11 27.47
CA SER A 74 16.98 -12.94 28.85
C SER A 74 15.82 -13.06 29.84
N LEU A 75 14.61 -13.14 29.34
CA LEU A 75 13.46 -13.13 30.21
C LEU A 75 13.03 -14.56 30.53
N PRO A 76 12.47 -14.79 31.71
CA PRO A 76 11.99 -16.15 32.04
C PRO A 76 10.67 -16.46 31.34
N GLY A 77 10.29 -17.72 31.37
CA GLY A 77 9.00 -18.15 30.90
C GLY A 77 9.00 -18.55 29.44
N PRO A 78 7.82 -18.87 28.90
CA PRO A 78 7.76 -19.33 27.50
C PRO A 78 8.09 -18.20 26.54
N LYS A 79 8.88 -18.53 25.51
CA LYS A 79 9.48 -17.51 24.66
C LYS A 79 8.42 -16.82 23.80
N ARG A 80 8.48 -15.49 23.79
CA ARG A 80 7.68 -14.66 22.90
C ARG A 80 8.59 -14.00 21.87
N GLY A 81 7.98 -13.35 20.88
CA GLY A 81 8.71 -12.83 19.76
C GLY A 81 8.81 -11.31 19.75
N VAL A 82 9.48 -10.83 18.71
CA VAL A 82 9.56 -9.42 18.41
C VAL A 82 8.85 -9.17 17.09
N ALA A 83 7.99 -8.16 17.05
CA ALA A 83 7.37 -7.69 15.82
C ALA A 83 7.98 -6.35 15.46
N CYS A 84 8.29 -6.15 14.20
CA CYS A 84 8.75 -4.86 13.69
C CYS A 84 7.90 -4.55 12.47
N THR A 85 7.06 -3.49 12.55
CA THR A 85 6.17 -3.12 11.45
C THR A 85 6.84 -2.18 10.46
N GLN A 86 6.63 -2.44 9.16
CA GLN A 86 7.05 -1.58 8.05
C GLN A 86 5.83 -1.11 7.27
N PRO A 87 5.71 0.18 6.99
CA PRO A 87 4.69 0.61 6.03
C PRO A 87 4.82 -0.08 4.68
N ARG A 88 6.02 -0.50 4.29
CA ARG A 88 6.25 -0.89 2.90
C ARG A 88 6.57 -2.38 2.76
N ARG A 89 5.79 -3.07 1.90
CA ARG A 89 6.00 -4.50 1.63
C ARG A 89 7.45 -4.82 1.29
N VAL A 90 8.05 -4.06 0.38
CA VAL A 90 9.40 -4.36 -0.10
C VAL A 90 10.40 -4.20 1.03
N ALA A 91 10.21 -3.21 1.90
CA ALA A 91 11.11 -3.05 3.03
C ALA A 91 11.00 -4.23 4.00
N ALA A 92 9.77 -4.67 4.27
CA ALA A 92 9.61 -5.79 5.19
C ALA A 92 10.24 -7.05 4.63
N MET A 93 9.99 -7.37 3.36
CA MET A 93 10.52 -8.61 2.80
C MET A 93 12.04 -8.54 2.64
N SER A 94 12.54 -7.44 2.10
CA SER A 94 13.98 -7.31 1.90
C SER A 94 14.72 -7.34 3.22
N VAL A 95 14.23 -6.59 4.21
CA VAL A 95 15.01 -6.51 5.44
C VAL A 95 14.94 -7.82 6.24
N ALA A 96 13.82 -8.55 6.15
CA ALA A 96 13.76 -9.86 6.78
C ALA A 96 14.75 -10.84 6.16
N GLN A 97 14.94 -10.78 4.83
CA GLN A 97 16.00 -11.62 4.27
C GLN A 97 17.35 -11.20 4.80
N ARG A 98 17.62 -9.90 4.82
CA ARG A 98 18.89 -9.39 5.33
C ARG A 98 19.14 -9.84 6.77
N VAL A 99 18.15 -9.66 7.65
CA VAL A 99 18.37 -9.93 9.06
C VAL A 99 18.47 -11.44 9.31
N ALA A 100 17.77 -12.27 8.52
CA ALA A 100 18.01 -13.70 8.60
C ALA A 100 19.47 -14.02 8.32
N ASP A 101 20.04 -13.39 7.30
CA ASP A 101 21.47 -13.54 7.04
C ASP A 101 22.28 -13.05 8.25
N GLU A 102 21.92 -11.87 8.77
CA GLU A 102 22.69 -11.29 9.86
C GLU A 102 22.66 -12.18 11.08
N MET A 103 21.53 -12.86 11.32
CA MET A 103 21.38 -13.76 12.45
C MET A 103 21.81 -15.18 12.13
N ASP A 104 22.29 -15.45 10.93
CA ASP A 104 22.77 -16.79 10.59
C ASP A 104 21.64 -17.83 10.62
N VAL A 105 20.44 -17.46 10.16
CA VAL A 105 19.29 -18.36 10.18
C VAL A 105 18.60 -18.32 8.82
N MET A 106 17.76 -19.31 8.56
CA MET A 106 17.00 -19.34 7.31
C MET A 106 15.74 -18.49 7.42
N LEU A 107 15.52 -17.65 6.41
CA LEU A 107 14.31 -16.82 6.36
C LEU A 107 13.07 -17.71 6.44
N GLY A 108 12.11 -17.29 7.27
CA GLY A 108 10.91 -18.07 7.51
C GLY A 108 10.99 -18.99 8.72
N GLN A 109 12.20 -19.25 9.20
CA GLN A 109 12.43 -19.92 10.47
C GLN A 109 12.47 -18.86 11.57
N GLU A 110 13.61 -18.69 12.23
CA GLU A 110 13.66 -17.79 13.37
C GLU A 110 13.38 -16.35 12.98
N VAL A 111 13.69 -15.96 11.76
CA VAL A 111 13.38 -14.63 11.24
C VAL A 111 12.42 -14.79 10.06
N GLY A 112 11.35 -14.01 10.04
CA GLY A 112 10.35 -14.18 9.01
C GLY A 112 9.70 -12.85 8.66
N TYR A 113 8.73 -12.92 7.72
CA TYR A 113 7.95 -11.74 7.39
C TYR A 113 6.48 -12.10 7.20
N SER A 114 5.66 -11.08 7.15
CA SER A 114 4.24 -11.26 6.99
C SER A 114 3.71 -10.04 6.26
N ILE A 115 3.21 -10.27 5.03
CA ILE A 115 2.50 -9.32 4.20
C ILE A 115 1.12 -9.91 3.96
N ARG A 116 0.17 -9.07 3.57
CA ARG A 116 -1.12 -9.59 3.17
C ARG A 116 -0.91 -10.66 2.08
N PHE A 117 -1.42 -11.87 2.30
CA PHE A 117 -1.35 -13.00 1.36
C PHE A 117 0.04 -13.60 1.20
N GLU A 118 1.05 -13.13 1.96
CA GLU A 118 2.44 -13.61 1.86
C GLU A 118 3.00 -13.80 3.26
N ASP A 119 2.79 -14.98 3.85
CA ASP A 119 3.22 -15.31 5.22
C ASP A 119 4.52 -16.11 5.13
N CYS A 120 5.62 -15.56 5.60
CA CYS A 120 6.85 -16.34 5.55
C CYS A 120 7.38 -16.46 6.97
N SER A 121 6.86 -17.43 7.70
CA SER A 121 7.12 -17.55 9.13
C SER A 121 6.76 -18.97 9.50
N SER A 122 7.13 -19.34 10.72
CA SER A 122 6.87 -20.69 11.21
C SER A 122 6.77 -20.63 12.73
N ALA A 123 6.57 -21.80 13.33
CA ALA A 123 6.55 -21.89 14.78
C ALA A 123 7.88 -21.46 15.38
N LYS A 124 8.98 -21.56 14.64
CA LYS A 124 10.27 -21.11 15.16
C LYS A 124 10.46 -19.60 15.08
N THR A 125 9.53 -18.86 14.48
CA THR A 125 9.77 -17.43 14.22
C THR A 125 9.74 -16.63 15.51
N ILE A 126 10.84 -15.94 15.83
CA ILE A 126 10.89 -15.12 17.02
C ILE A 126 11.13 -13.66 16.68
N LEU A 127 11.37 -13.35 15.42
CA LEU A 127 11.47 -11.97 14.95
C LEU A 127 10.74 -11.92 13.63
N LYS A 128 9.73 -11.05 13.52
CA LYS A 128 8.92 -11.02 12.32
C LYS A 128 8.77 -9.58 11.85
N TYR A 129 9.26 -9.29 10.65
CA TYR A 129 8.94 -8.03 10.02
C TYR A 129 7.61 -8.13 9.27
N MET A 130 6.70 -7.22 9.53
CA MET A 130 5.38 -7.34 8.94
C MET A 130 4.95 -5.94 8.55
N THR A 131 4.07 -5.84 7.56
CA THR A 131 3.48 -4.55 7.30
C THR A 131 2.69 -4.12 8.52
N ASP A 132 2.56 -2.80 8.70
CA ASP A 132 1.75 -2.34 9.82
C ASP A 132 0.30 -2.81 9.70
N GLY A 133 -0.22 -2.96 8.48
CA GLY A 133 -1.57 -3.46 8.33
C GLY A 133 -1.71 -4.88 8.84
N MET A 134 -0.67 -5.70 8.64
CA MET A 134 -0.75 -7.08 9.08
C MET A 134 -0.72 -7.19 10.60
N LEU A 135 -0.03 -6.29 11.29
CA LEU A 135 -0.06 -6.37 12.75
C LEU A 135 -1.44 -5.98 13.29
N LEU A 136 -2.06 -4.95 12.71
CA LEU A 136 -3.42 -4.61 13.11
C LEU A 136 -4.39 -5.78 12.85
N ARG A 137 -4.19 -6.51 11.74
CA ARG A 137 -5.04 -7.68 11.52
C ARG A 137 -4.77 -8.79 12.55
N GLU A 138 -3.52 -8.94 13.03
CA GLU A 138 -3.31 -9.96 14.04
C GLU A 138 -4.03 -9.61 15.33
N ALA A 139 -4.13 -8.32 15.64
CA ALA A 139 -4.78 -7.87 16.87
C ALA A 139 -6.24 -8.26 16.94
N MET A 140 -6.88 -8.54 15.79
CA MET A 140 -8.30 -8.87 15.77
C MET A 140 -8.56 -10.20 16.44
N ASN A 141 -7.63 -11.12 16.32
CA ASN A 141 -7.74 -12.41 17.00
C ASN A 141 -6.73 -12.55 18.13
N ASP A 142 -6.08 -11.45 18.51
CA ASP A 142 -5.15 -11.43 19.64
C ASP A 142 -5.10 -9.99 20.15
N PRO A 143 -6.08 -9.56 20.96
CA PRO A 143 -6.22 -8.12 21.22
C PRO A 143 -5.08 -7.51 22.00
N LEU A 144 -4.37 -8.26 22.83
CA LEU A 144 -3.22 -7.66 23.52
C LEU A 144 -1.92 -8.06 22.86
N LEU A 145 -1.99 -8.70 21.69
CA LEU A 145 -0.83 -9.07 20.91
C LEU A 145 0.15 -9.89 21.74
N GLU A 146 -0.41 -10.91 22.39
CA GLU A 146 0.35 -11.66 23.37
C GLU A 146 1.42 -12.55 22.74
N ARG A 147 1.43 -12.70 21.42
CA ARG A 147 2.55 -13.40 20.80
C ARG A 147 3.86 -12.63 20.85
N TYR A 148 3.84 -11.32 21.12
CA TYR A 148 5.04 -10.48 21.11
C TYR A 148 5.34 -9.90 22.50
N GLY A 149 6.62 -9.83 22.85
CA GLY A 149 7.12 -9.20 24.08
C GLY A 149 7.62 -7.81 23.77
N VAL A 150 7.96 -7.56 22.49
CA VAL A 150 8.39 -6.24 22.02
C VAL A 150 7.70 -5.96 20.70
N ILE A 151 7.12 -4.77 20.57
CA ILE A 151 6.57 -4.34 19.30
C ILE A 151 7.27 -3.05 18.89
N ILE A 152 7.85 -3.04 17.69
CA ILE A 152 8.58 -1.89 17.17
C ILE A 152 7.76 -1.35 16.02
N LEU A 153 7.20 -0.14 16.16
CA LEU A 153 6.55 0.58 15.06
C LEU A 153 7.59 1.43 14.32
N ASP A 154 8.03 0.97 13.17
CA ASP A 154 9.13 1.57 12.44
C ASP A 154 8.58 2.47 11.34
N GLU A 155 9.43 3.38 10.85
CA GLU A 155 9.08 4.34 9.81
C GLU A 155 7.86 5.16 10.20
N ALA A 156 7.75 5.45 11.49
CA ALA A 156 6.57 6.14 11.99
C ALA A 156 6.38 7.50 11.33
N HIS A 157 7.46 8.14 10.89
CA HIS A 157 7.33 9.43 10.24
C HIS A 157 6.54 9.37 8.95
N GLU A 158 6.38 8.20 8.34
CA GLU A 158 5.53 8.15 7.15
C GLU A 158 4.05 8.28 7.48
N ARG A 159 3.69 8.11 8.76
CA ARG A 159 2.34 8.39 9.23
C ARG A 159 1.27 7.72 8.34
N THR A 160 1.43 6.43 8.10
CA THR A 160 0.38 5.77 7.35
C THR A 160 -0.86 5.59 8.23
N LEU A 161 -1.97 5.27 7.56
CA LEU A 161 -3.21 5.00 8.26
C LEU A 161 -3.03 3.88 9.29
N ALA A 162 -2.37 2.80 8.88
CA ALA A 162 -2.24 1.65 9.75
C ALA A 162 -1.31 1.95 10.91
N THR A 163 -0.26 2.71 10.65
CA THR A 163 0.64 3.09 11.74
C THR A 163 -0.09 3.98 12.74
N ASP A 164 -0.88 4.97 12.24
CA ASP A 164 -1.62 5.82 13.15
C ASP A 164 -2.60 5.02 13.99
N ILE A 165 -3.33 4.09 13.39
CA ILE A 165 -4.24 3.26 14.18
C ILE A 165 -3.47 2.42 15.17
N LEU A 166 -2.39 1.78 14.71
CA LEU A 166 -1.57 0.97 15.61
C LEU A 166 -1.10 1.78 16.81
N MET A 167 -0.79 3.07 16.62
CA MET A 167 -0.31 3.84 17.77
C MET A 167 -1.39 3.95 18.83
N GLY A 168 -2.65 4.14 18.40
CA GLY A 168 -3.74 4.23 19.36
C GLY A 168 -4.08 2.90 19.97
N VAL A 169 -3.99 1.82 19.19
CA VAL A 169 -4.23 0.48 19.71
C VAL A 169 -3.17 0.11 20.73
N LEU A 170 -1.90 0.36 20.40
CA LEU A 170 -0.82 0.03 21.33
C LEU A 170 -0.89 0.88 22.59
N LYS A 171 -1.26 2.15 22.46
CA LYS A 171 -1.38 2.99 23.64
C LYS A 171 -2.38 2.40 24.63
N GLU A 172 -3.44 1.77 24.12
CA GLU A 172 -4.38 1.09 24.99
C GLU A 172 -3.84 -0.25 25.49
N VAL A 173 -3.14 -1.02 24.62
CA VAL A 173 -2.63 -2.33 25.04
C VAL A 173 -1.66 -2.20 26.20
N VAL A 174 -0.74 -1.23 26.15
CA VAL A 174 0.23 -1.13 27.26
C VAL A 174 -0.41 -0.69 28.56
N ARG A 175 -1.62 -0.12 28.54
CA ARG A 175 -2.36 0.07 29.77
CA ARG A 175 -2.38 0.07 29.77
C ARG A 175 -2.78 -1.26 30.40
N GLN A 176 -2.99 -2.29 29.58
CA GLN A 176 -3.56 -3.56 30.05
C GLN A 176 -2.50 -4.64 30.30
N ARG A 177 -1.32 -4.49 29.69
CA ARG A 177 -0.20 -5.42 29.70
C ARG A 177 1.04 -4.64 30.13
N SER A 178 1.64 -5.00 31.25
CA SER A 178 2.86 -4.30 31.62
C SER A 178 4.13 -4.98 31.10
N ASP A 179 4.03 -6.19 30.57
CA ASP A 179 5.24 -6.87 30.12
C ASP A 179 5.69 -6.39 28.73
N LEU A 180 4.75 -5.88 27.94
CA LEU A 180 5.02 -5.49 26.54
C LEU A 180 5.87 -4.23 26.45
N LYS A 181 6.90 -4.28 25.59
CA LYS A 181 7.71 -3.12 25.25
C LYS A 181 7.24 -2.60 23.89
N VAL A 182 7.04 -1.28 23.77
CA VAL A 182 6.71 -0.64 22.50
C VAL A 182 7.81 0.36 22.14
N ILE A 183 8.33 0.30 20.93
CA ILE A 183 9.38 1.21 20.47
C ILE A 183 8.89 1.86 19.20
N VAL A 184 8.84 3.19 19.18
CA VAL A 184 8.53 3.91 17.95
C VAL A 184 9.85 4.36 17.33
N MET A 185 10.08 4.04 16.05
CA MET A 185 11.26 4.56 15.35
C MET A 185 10.85 5.44 14.17
N SER A 186 11.63 6.50 13.94
CA SER A 186 11.31 7.50 12.95
C SER A 186 12.61 8.10 12.46
N ALA A 187 12.58 8.64 11.24
CA ALA A 187 13.73 9.29 10.65
C ALA A 187 13.86 10.73 11.12
N THR A 188 12.76 11.32 11.59
CA THR A 188 12.71 12.72 11.94
C THR A 188 12.03 12.89 13.29
N LEU A 189 12.37 14.01 13.95
CA LEU A 189 11.93 14.23 15.32
C LEU A 189 10.46 14.63 15.38
N ASP A 190 9.96 15.30 14.34
CA ASP A 190 8.56 15.67 14.23
C ASP A 190 8.09 16.44 15.46
N ALA A 191 8.95 17.35 15.95
CA ALA A 191 8.67 18.20 17.11
C ALA A 191 8.23 17.39 18.34
N GLY A 192 8.86 16.22 18.52
CA GLY A 192 8.60 15.37 19.67
C GLY A 192 7.20 14.83 19.75
N LYS A 193 6.49 14.76 18.61
CA LYS A 193 5.10 14.34 18.58
C LYS A 193 4.94 12.93 19.13
N PHE A 194 5.84 12.03 18.76
CA PHE A 194 5.69 10.66 19.20
C PHE A 194 5.89 10.55 20.71
N GLN A 195 6.93 11.19 21.24
CA GLN A 195 7.18 11.18 22.70
C GLN A 195 5.99 11.71 23.47
N ILE A 196 5.49 12.89 23.10
CA ILE A 196 4.32 13.44 23.78
C ILE A 196 3.17 12.45 23.73
N TYR A 197 2.95 11.83 22.57
CA TYR A 197 1.79 10.95 22.40
C TYR A 197 1.88 9.75 23.34
N PHE A 198 3.07 9.19 23.54
CA PHE A 198 3.23 8.12 24.51
C PHE A 198 3.60 8.66 25.91
N ASP A 199 2.91 9.73 26.31
CA ASP A 199 2.95 10.26 27.67
C ASP A 199 4.37 10.65 28.07
N ASN A 200 5.03 11.37 27.16
CA ASN A 200 6.33 11.97 27.39
C ASN A 200 7.36 10.91 27.77
N CYS A 201 7.47 9.91 26.91
CA CYS A 201 8.37 8.78 27.10
C CYS A 201 9.77 9.17 26.69
N PRO A 202 10.76 8.34 26.99
CA PRO A 202 12.14 8.71 26.66
C PRO A 202 12.38 8.76 25.17
N LEU A 203 13.43 9.48 24.80
CA LEU A 203 13.83 9.65 23.41
C LEU A 203 15.31 9.31 23.29
N LEU A 204 15.66 8.49 22.31
CA LEU A 204 17.06 8.23 21.96
C LEU A 204 17.27 8.73 20.54
N THR A 205 18.24 9.63 20.34
CA THR A 205 18.48 10.24 19.04
C THR A 205 19.88 9.86 18.57
N ILE A 206 19.96 9.19 17.43
CA ILE A 206 21.24 8.82 16.79
C ILE A 206 21.70 10.01 15.96
N PRO A 207 22.90 10.55 16.17
CA PRO A 207 23.38 11.63 15.31
C PRO A 207 23.45 11.14 13.87
N GLY A 208 23.20 12.06 12.95
CA GLY A 208 23.26 11.73 11.53
C GLY A 208 24.69 11.78 11.00
N ARG A 209 24.87 11.20 9.81
CA ARG A 209 26.18 11.16 9.15
C ARG A 209 26.03 11.44 7.68
N THR A 210 25.13 12.35 7.32
CA THR A 210 24.92 12.73 5.92
C THR A 210 26.03 13.68 5.46
N HIS A 211 26.70 13.31 4.37
CA HIS A 211 27.70 14.18 3.76
C HIS A 211 27.00 15.37 3.11
N PRO A 212 27.75 16.41 2.75
CA PRO A 212 27.14 17.55 2.04
C PRO A 212 26.49 17.11 0.73
N VAL A 213 25.42 17.81 0.36
CA VAL A 213 24.67 17.54 -0.85
C VAL A 213 24.38 18.87 -1.53
N GLU A 214 24.90 19.05 -2.73
CA GLU A 214 24.55 20.22 -3.54
C GLU A 214 23.23 19.98 -4.25
N ILE A 215 22.32 20.93 -4.14
CA ILE A 215 21.02 20.90 -4.80
C ILE A 215 21.03 21.82 -6.01
N PHE A 216 20.47 21.34 -7.12
CA PHE A 216 20.34 22.09 -8.37
C PHE A 216 18.88 22.19 -8.76
N TYR A 217 18.47 23.38 -9.19
CA TYR A 217 17.11 23.65 -9.59
C TYR A 217 17.10 23.95 -11.08
N THR A 218 15.96 23.69 -11.73
CA THR A 218 15.82 24.10 -13.10
C THR A 218 15.66 25.61 -13.15
N PRO A 219 15.90 26.24 -14.31
CA PRO A 219 15.66 27.68 -14.42
C PRO A 219 14.20 28.02 -14.59
N GLU A 220 13.40 27.10 -15.12
CA GLU A 220 12.00 27.34 -15.43
C GLU A 220 11.26 26.03 -15.25
N PRO A 221 9.93 26.07 -15.12
CA PRO A 221 9.18 24.82 -14.93
C PRO A 221 9.38 23.89 -16.13
N GLU A 222 9.42 22.59 -15.87
CA GLU A 222 9.54 21.60 -16.93
C GLU A 222 8.17 21.26 -17.49
N ARG A 223 8.09 21.07 -18.81
CA ARG A 223 6.82 20.68 -19.39
C ARG A 223 6.55 19.18 -19.29
N ASP A 224 7.57 18.36 -19.10
CA ASP A 224 7.40 16.91 -18.96
C ASP A 224 8.42 16.42 -17.95
N TYR A 225 7.96 15.94 -16.79
CA TYR A 225 8.93 15.58 -15.75
C TYR A 225 9.60 14.24 -16.04
N LEU A 226 8.95 13.35 -16.78
CA LEU A 226 9.61 12.10 -17.15
C LEU A 226 10.69 12.33 -18.19
N GLU A 227 10.43 13.22 -19.17
CA GLU A 227 11.43 13.58 -20.15
C GLU A 227 12.62 14.27 -19.50
N ALA A 228 12.34 15.14 -18.52
CA ALA A 228 13.43 15.77 -17.79
C ALA A 228 14.18 14.74 -16.96
N ALA A 229 13.47 13.76 -16.39
CA ALA A 229 14.11 12.70 -15.61
C ALA A 229 15.09 11.89 -16.45
N ILE A 230 14.67 11.48 -17.66
CA ILE A 230 15.56 10.70 -18.53
C ILE A 230 16.74 11.55 -18.98
N ARG A 231 16.46 12.80 -19.40
CA ARG A 231 17.52 13.72 -19.82
C ARG A 231 18.56 13.90 -18.71
N THR A 232 18.10 14.15 -17.48
CA THR A 232 19.04 14.33 -16.38
C THR A 232 19.88 13.08 -16.13
N VAL A 233 19.25 11.91 -16.14
CA VAL A 233 19.98 10.67 -15.88
C VAL A 233 21.14 10.51 -16.86
N ILE A 234 20.86 10.71 -18.17
CA ILE A 234 21.94 10.47 -19.13
C ILE A 234 23.02 11.55 -19.01
N GLN A 235 22.65 12.79 -18.66
CA GLN A 235 23.69 13.81 -18.50
C GLN A 235 24.58 13.50 -17.31
N ILE A 236 23.99 13.08 -16.19
CA ILE A 236 24.79 12.69 -15.03
C ILE A 236 25.74 11.57 -15.40
N HIS A 237 25.26 10.58 -16.15
CA HIS A 237 26.07 9.42 -16.46
C HIS A 237 27.28 9.80 -17.32
N MET A 238 27.13 10.82 -18.16
CA MET A 238 28.16 11.18 -19.10
C MET A 238 29.01 12.37 -18.67
N CYS A 239 28.52 13.22 -17.77
CA CYS A 239 29.24 14.44 -17.43
C CYS A 239 29.91 14.42 -16.07
N GLU A 240 29.48 13.55 -15.15
CA GLU A 240 30.12 13.48 -13.84
C GLU A 240 31.39 12.66 -13.91
N GLU A 241 32.50 13.22 -13.39
CA GLU A 241 33.78 12.51 -13.40
C GLU A 241 33.80 11.39 -12.38
N GLU A 242 33.25 11.64 -11.21
CA GLU A 242 33.37 10.78 -10.06
C GLU A 242 32.50 9.53 -10.22
N GLU A 243 32.97 8.42 -9.64
CA GLU A 243 32.16 7.20 -9.55
C GLU A 243 30.93 7.46 -8.66
N GLY A 244 29.89 6.69 -8.88
CA GLY A 244 28.69 6.77 -8.04
C GLY A 244 27.42 6.43 -8.79
N ASP A 245 26.46 5.88 -8.07
CA ASP A 245 25.24 5.39 -8.67
C ASP A 245 24.11 6.41 -8.56
N LEU A 246 23.05 6.16 -9.34
CA LEU A 246 21.94 7.08 -9.52
C LEU A 246 20.67 6.50 -8.90
N LEU A 247 19.86 7.40 -8.35
CA LEU A 247 18.59 7.05 -7.75
C LEU A 247 17.60 8.05 -8.31
N LEU A 248 16.66 7.57 -9.12
CA LEU A 248 15.64 8.40 -9.74
C LEU A 248 14.28 8.06 -9.13
N PHE A 249 13.63 9.07 -8.54
CA PHE A 249 12.30 8.91 -7.95
C PHE A 249 11.20 9.13 -8.99
N LEU A 250 10.46 8.07 -9.30
CA LEU A 250 9.24 8.21 -10.10
C LEU A 250 8.05 7.76 -9.23
N THR A 251 6.88 7.60 -9.86
CA THR A 251 5.65 7.58 -9.07
C THR A 251 4.89 6.25 -9.09
N GLY A 252 5.24 5.31 -9.97
CA GLY A 252 4.58 4.02 -9.97
C GLY A 252 5.17 3.06 -10.99
N GLN A 253 4.60 1.84 -10.98
CA GLN A 253 5.20 0.70 -11.65
C GLN A 253 5.24 0.87 -13.17
N GLU A 254 4.14 1.29 -13.78
CA GLU A 254 4.13 1.47 -15.22
C GLU A 254 5.04 2.62 -15.64
N GLU A 255 4.97 3.76 -14.91
CA GLU A 255 5.85 4.88 -15.22
C GLU A 255 7.32 4.49 -15.09
N ILE A 256 7.65 3.69 -14.08
CA ILE A 256 9.03 3.26 -13.89
C ILE A 256 9.51 2.39 -15.05
N ASP A 257 8.68 1.42 -15.49
CA ASP A 257 9.09 0.54 -16.58
C ASP A 257 9.34 1.31 -17.86
N GLU A 258 8.43 2.23 -18.20
CA GLU A 258 8.64 3.03 -19.39
C GLU A 258 9.94 3.82 -19.29
N ALA A 259 10.22 4.41 -18.13
CA ALA A 259 11.49 5.12 -17.97
C ALA A 259 12.69 4.18 -18.13
N CYS A 260 12.58 2.96 -17.60
CA CYS A 260 13.68 1.99 -17.71
C CYS A 260 13.93 1.59 -19.15
N LYS A 261 12.87 1.45 -19.94
CA LYS A 261 13.04 1.15 -21.36
C LYS A 261 13.67 2.32 -22.09
N ARG A 262 13.19 3.54 -21.83
CA ARG A 262 13.66 4.70 -22.56
C ARG A 262 15.09 5.05 -22.18
N ILE A 263 15.46 4.89 -20.91
CA ILE A 263 16.85 5.09 -20.52
C ILE A 263 17.76 4.10 -21.23
N LYS A 264 17.36 2.82 -21.27
CA LYS A 264 18.22 1.81 -21.88
C LYS A 264 18.38 2.05 -23.38
N ARG A 265 17.34 2.53 -24.06
CA ARG A 265 17.48 2.81 -25.48
C ARG A 265 18.42 3.99 -25.72
N GLU A 266 18.10 5.14 -25.12
CA GLU A 266 18.93 6.33 -25.36
C GLU A 266 20.38 6.08 -25.00
N VAL A 267 20.63 5.28 -23.97
CA VAL A 267 22.00 4.95 -23.58
C VAL A 267 22.62 3.97 -24.58
N ASP A 268 21.93 2.86 -24.83
CA ASP A 268 22.40 1.90 -25.83
C ASP A 268 22.56 2.51 -27.22
N ASP A 269 22.12 3.75 -27.43
CA ASP A 269 22.29 4.43 -28.71
C ASP A 269 23.68 4.99 -28.90
N LEU A 270 24.64 4.63 -28.05
CA LEU A 270 26.06 4.91 -28.28
C LEU A 270 26.83 3.62 -28.01
N GLY A 271 27.19 2.91 -29.07
CA GLY A 271 27.84 1.63 -28.96
C GLY A 271 29.07 1.64 -28.07
N PRO A 272 30.07 2.45 -28.41
CA PRO A 272 31.34 2.38 -27.69
C PRO A 272 31.56 3.50 -26.68
N GLU A 273 32.37 3.20 -25.67
CA GLU A 273 32.99 4.18 -24.77
C GLU A 273 32.01 4.92 -23.88
N VAL A 274 30.70 4.65 -24.03
CA VAL A 274 29.72 5.04 -23.02
C VAL A 274 29.70 3.95 -21.95
N GLY A 275 29.91 4.36 -20.70
CA GLY A 275 30.02 3.39 -19.62
C GLY A 275 28.79 2.49 -19.54
N ASP A 276 29.01 1.26 -19.11
CA ASP A 276 27.90 0.37 -18.84
C ASP A 276 27.06 0.93 -17.70
N ILE A 277 25.74 0.86 -17.87
CA ILE A 277 24.82 1.25 -16.81
C ILE A 277 23.91 0.07 -16.53
N LYS A 278 23.72 -0.23 -15.24
CA LYS A 278 22.80 -1.28 -14.81
C LYS A 278 21.52 -0.62 -14.34
N ILE A 279 20.42 -0.88 -15.05
CA ILE A 279 19.14 -0.20 -14.82
C ILE A 279 18.23 -1.10 -14.00
N ILE A 280 17.81 -0.63 -12.82
CA ILE A 280 17.09 -1.46 -11.87
C ILE A 280 15.79 -0.79 -11.41
N PRO A 281 14.63 -1.38 -11.68
CA PRO A 281 13.38 -0.81 -11.19
C PRO A 281 13.14 -1.18 -9.75
N LEU A 282 12.37 -0.35 -9.06
CA LEU A 282 11.96 -0.66 -7.69
C LEU A 282 10.55 -0.15 -7.49
N TYR A 283 9.63 -1.05 -7.23
CA TYR A 283 8.25 -0.67 -6.94
C TYR A 283 7.62 -1.78 -6.12
N SER A 284 6.37 -1.54 -5.73
CA SER A 284 5.81 -2.20 -4.55
C SER A 284 5.52 -3.70 -4.71
N THR A 285 5.36 -4.20 -5.93
CA THR A 285 4.89 -5.57 -6.13
C THR A 285 5.99 -6.50 -6.63
N LEU A 286 7.24 -6.05 -6.64
CA LEU A 286 8.29 -6.87 -7.21
C LEU A 286 8.48 -8.14 -6.37
N PRO A 287 8.75 -9.27 -7.01
CA PRO A 287 9.10 -10.50 -6.28
C PRO A 287 10.42 -10.32 -5.56
N PRO A 288 10.70 -11.12 -4.52
CA PRO A 288 11.99 -11.00 -3.81
C PRO A 288 13.22 -11.05 -4.69
N GLN A 289 13.25 -11.91 -5.71
CA GLN A 289 14.41 -11.96 -6.59
C GLN A 289 14.66 -10.61 -7.27
N GLN A 290 13.59 -9.89 -7.63
CA GLN A 290 13.79 -8.58 -8.26
C GLN A 290 14.14 -7.50 -7.24
N GLN A 291 13.46 -7.51 -6.08
CA GLN A 291 13.78 -6.57 -5.01
C GLN A 291 15.29 -6.52 -4.74
N GLN A 292 15.91 -7.70 -4.62
CA GLN A 292 17.30 -7.79 -4.19
C GLN A 292 18.30 -7.25 -5.21
N ARG A 293 17.87 -7.02 -6.46
CA ARG A 293 18.80 -6.53 -7.47
C ARG A 293 19.31 -5.13 -7.14
N ILE A 294 18.53 -4.34 -6.38
CA ILE A 294 18.97 -2.99 -6.05
C ILE A 294 20.27 -2.99 -5.26
N PHE A 295 20.66 -4.13 -4.67
CA PHE A 295 21.82 -4.18 -3.80
C PHE A 295 23.07 -4.72 -4.46
N GLU A 296 22.96 -5.29 -5.65
CA GLU A 296 24.11 -5.90 -6.30
C GLU A 296 24.98 -4.81 -6.94
N PRO A 297 26.25 -5.11 -7.22
CA PRO A 297 27.23 -4.03 -7.43
C PRO A 297 27.13 -3.45 -8.82
N PRO A 298 27.66 -2.24 -9.03
CA PRO A 298 27.56 -1.60 -10.34
C PRO A 298 28.43 -2.31 -11.36
N PRO A 299 28.28 -2.00 -12.64
CA PRO A 299 29.16 -2.60 -13.65
C PRO A 299 30.59 -2.08 -13.50
N PRO A 300 31.57 -2.79 -14.04
CA PRO A 300 32.94 -2.29 -14.01
C PRO A 300 33.17 -1.16 -15.00
N LYS A 301 34.25 -0.43 -14.76
CA LYS A 301 34.71 0.66 -15.63
C LYS A 301 35.03 0.21 -17.05
N GLN A 303 36.81 -0.61 -20.77
CA GLN A 303 38.26 -0.77 -20.98
C GLN A 303 38.95 0.57 -21.17
N ASN A 304 38.23 1.54 -21.71
CA ASN A 304 38.78 2.88 -21.94
C ASN A 304 38.40 3.86 -20.84
N GLY A 305 38.12 3.38 -19.63
CA GLY A 305 37.88 4.26 -18.51
C GLY A 305 36.46 4.79 -18.39
N ALA A 306 35.51 4.18 -19.08
CA ALA A 306 34.13 4.67 -19.04
C ALA A 306 33.48 4.25 -17.73
N ILE A 307 33.18 5.23 -16.86
CA ILE A 307 32.64 4.94 -15.53
C ILE A 307 31.39 4.09 -15.64
N GLY A 308 31.38 2.96 -14.92
CA GLY A 308 30.18 2.14 -14.80
C GLY A 308 29.34 2.58 -13.61
N ARG A 309 28.02 2.47 -13.76
CA ARG A 309 27.10 2.96 -12.73
C ARG A 309 25.80 2.14 -12.72
N LYS A 310 25.14 2.13 -11.56
CA LYS A 310 23.77 1.66 -11.42
C LYS A 310 22.83 2.87 -11.50
N VAL A 311 21.67 2.68 -12.11
CA VAL A 311 20.57 3.62 -11.96
C VAL A 311 19.39 2.87 -11.38
N VAL A 312 19.02 3.20 -10.15
CA VAL A 312 17.82 2.64 -9.56
C VAL A 312 16.69 3.61 -9.88
N VAL A 313 15.67 3.10 -10.56
CA VAL A 313 14.49 3.89 -10.92
C VAL A 313 13.37 3.40 -10.01
N SER A 314 13.02 4.22 -9.00
CA SER A 314 12.33 3.75 -7.80
C SER A 314 11.16 4.65 -7.44
N THR A 315 10.14 4.09 -6.77
CA THR A 315 9.14 4.93 -6.12
C THR A 315 9.71 5.51 -4.82
N ASN A 316 8.85 6.21 -4.04
CA ASN A 316 9.35 6.69 -2.73
C ASN A 316 9.56 5.55 -1.71
N ILE A 317 9.50 4.27 -2.11
CA ILE A 317 10.12 3.21 -1.30
C ILE A 317 11.53 3.61 -0.87
N ALA A 318 12.27 4.20 -1.79
CA ALA A 318 13.68 4.53 -1.58
C ALA A 318 13.88 5.87 -0.86
N GLU A 319 12.79 6.53 -0.45
CA GLU A 319 12.91 7.85 0.17
C GLU A 319 13.39 7.72 1.62
N THR A 320 12.81 6.82 2.41
CA THR A 320 13.34 6.58 3.76
C THR A 320 13.44 5.11 4.17
N SER A 321 12.77 4.17 3.49
CA SER A 321 12.59 2.83 4.05
C SER A 321 13.81 1.91 3.86
N LEU A 322 14.72 2.21 2.95
CA LEU A 322 15.95 1.45 2.79
C LEU A 322 17.00 2.36 2.19
N THR A 323 18.24 1.87 2.17
CA THR A 323 19.39 2.59 1.65
C THR A 323 20.05 1.70 0.62
N ILE A 324 20.42 2.28 -0.53
CA ILE A 324 21.21 1.56 -1.51
C ILE A 324 22.62 2.13 -1.47
N ASP A 325 23.51 1.48 -0.71
CA ASP A 325 24.88 1.97 -0.61
C ASP A 325 25.46 2.24 -2.00
N GLY A 326 26.15 3.38 -2.14
CA GLY A 326 26.80 3.76 -3.39
C GLY A 326 26.08 4.83 -4.18
N VAL A 327 24.80 5.09 -3.87
CA VAL A 327 24.07 6.16 -4.54
C VAL A 327 24.69 7.50 -4.18
N VAL A 328 25.03 8.28 -5.20
CA VAL A 328 25.61 9.59 -5.03
C VAL A 328 24.81 10.69 -5.71
N PHE A 329 23.98 10.34 -6.69
CA PHE A 329 23.20 11.31 -7.44
C PHE A 329 21.74 10.94 -7.32
N VAL A 330 20.90 11.92 -6.98
CA VAL A 330 19.45 11.76 -6.88
C VAL A 330 18.79 12.69 -7.87
N ILE A 331 17.81 12.16 -8.60
CA ILE A 331 16.98 12.96 -9.51
C ILE A 331 15.57 13.01 -8.91
N ASP A 332 15.05 14.22 -8.69
CA ASP A 332 13.82 14.42 -7.93
C ASP A 332 12.86 15.19 -8.80
N PRO A 333 11.99 14.49 -9.53
CA PRO A 333 10.88 15.18 -10.24
C PRO A 333 9.93 15.91 -9.33
N GLY A 334 9.83 15.53 -8.06
CA GLY A 334 9.02 16.26 -7.12
C GLY A 334 7.60 15.77 -6.97
N PHE A 335 7.31 14.53 -7.37
CA PHE A 335 5.96 14.00 -7.35
C PHE A 335 5.93 12.62 -6.70
N ALA A 336 4.77 12.28 -6.11
CA ALA A 336 4.49 10.93 -5.67
C ALA A 336 3.02 10.60 -5.94
N LYS A 337 2.68 9.32 -5.82
CA LYS A 337 1.33 8.83 -6.08
C LYS A 337 0.62 8.56 -4.76
N GLN A 338 -0.57 9.11 -4.60
CA GLN A 338 -1.34 8.91 -3.38
C GLN A 338 -2.74 8.44 -3.72
N LYS A 339 -3.30 7.60 -2.86
CA LYS A 339 -4.67 7.12 -3.04
C LYS A 339 -5.57 8.06 -2.24
N VAL A 340 -6.29 8.97 -2.92
CA VAL A 340 -6.98 10.05 -2.22
C VAL A 340 -8.48 9.79 -2.20
N TYR A 341 -9.11 10.17 -1.10
CA TYR A 341 -10.54 9.99 -0.91
C TYR A 341 -11.20 11.35 -0.68
N ASN A 342 -12.19 11.68 -1.55
CA ASN A 342 -12.97 12.90 -1.38
C ASN A 342 -14.34 12.51 -0.80
N PRO A 343 -14.57 12.70 0.51
CA PRO A 343 -15.82 12.22 1.11
C PRO A 343 -17.08 12.91 0.59
N ARG A 344 -16.96 14.11 -0.01
CA ARG A 344 -18.16 14.87 -0.39
C ARG A 344 -18.86 14.25 -1.60
N ILE A 345 -18.09 13.63 -2.50
CA ILE A 345 -18.62 12.93 -3.66
C ILE A 345 -18.35 11.44 -3.62
N ARG A 346 -17.75 10.95 -2.52
CA ARG A 346 -17.52 9.52 -2.30
C ARG A 346 -16.66 8.92 -3.40
N VAL A 347 -15.61 9.65 -3.78
CA VAL A 347 -14.71 9.24 -4.85
C VAL A 347 -13.33 9.01 -4.25
N GLU A 348 -12.83 7.80 -4.42
CA GLU A 348 -11.43 7.47 -4.19
C GLU A 348 -10.73 7.36 -5.54
N SER A 349 -9.47 7.80 -5.59
CA SER A 349 -8.74 7.72 -6.84
C SER A 349 -7.25 7.82 -6.60
N LEU A 350 -6.50 7.17 -7.48
CA LEU A 350 -5.04 7.31 -7.48
C LEU A 350 -4.67 8.66 -8.07
N LEU A 351 -3.84 9.41 -7.35
CA LEU A 351 -3.48 10.77 -7.73
C LEU A 351 -1.96 10.90 -7.78
N VAL A 352 -1.42 11.58 -8.80
CA VAL A 352 -0.02 12.01 -8.75
C VAL A 352 -0.01 13.44 -8.24
N THR A 353 0.77 13.69 -7.19
CA THR A 353 0.75 14.96 -6.50
C THR A 353 2.16 15.41 -6.14
N ALA A 354 2.31 16.72 -5.95
CA ALA A 354 3.58 17.30 -5.55
C ALA A 354 3.92 16.94 -4.12
N ILE A 355 5.18 16.58 -3.90
CA ILE A 355 5.61 16.21 -2.57
C ILE A 355 5.78 17.44 -1.70
N SER A 356 6.03 17.21 -0.43
CA SER A 356 6.27 18.27 0.53
C SER A 356 7.75 18.61 0.56
N LYS A 357 8.07 19.80 1.09
CA LYS A 357 9.48 20.12 1.32
C LYS A 357 10.15 19.02 2.12
N ALA A 358 9.45 18.48 3.13
CA ALA A 358 10.00 17.43 3.98
C ALA A 358 10.43 16.23 3.16
N SER A 359 9.57 15.80 2.23
CA SER A 359 9.91 14.67 1.37
C SER A 359 11.07 15.02 0.46
N ALA A 360 11.09 16.24 -0.08
CA ALA A 360 12.17 16.63 -0.98
C ALA A 360 13.51 16.59 -0.26
N GLN A 361 13.55 17.02 1.00
CA GLN A 361 14.79 17.01 1.77
C GLN A 361 15.28 15.58 2.01
N GLN A 362 14.35 14.66 2.31
CA GLN A 362 14.70 13.24 2.45
C GLN A 362 15.28 12.67 1.17
N ARG A 363 14.58 12.87 0.05
CA ARG A 363 15.12 12.41 -1.23
C ARG A 363 16.54 12.91 -1.46
N ALA A 364 16.78 14.20 -1.23
CA ALA A 364 18.12 14.73 -1.42
C ALA A 364 19.08 14.18 -0.39
N GLY A 365 18.60 13.88 0.82
CA GLY A 365 19.46 13.29 1.84
C GLY A 365 20.04 11.96 1.42
N ARG A 366 19.29 11.18 0.63
CA ARG A 366 19.77 9.87 0.16
C ARG A 366 20.98 9.99 -0.76
N ALA A 367 21.25 11.17 -1.34
CA ALA A 367 22.46 11.37 -2.12
C ALA A 367 23.70 11.55 -1.24
N GLY A 368 23.52 11.76 0.06
CA GLY A 368 24.66 12.03 0.93
C GLY A 368 25.06 10.95 1.89
N ARG A 369 24.49 9.75 1.81
CA ARG A 369 24.80 8.72 2.80
C ARG A 369 26.23 8.20 2.65
N THR A 370 26.66 7.93 1.43
CA THR A 370 27.97 7.31 1.22
C THR A 370 29.08 8.34 1.04
N ARG A 371 28.87 9.32 0.19
CA ARG A 371 29.90 10.32 -0.11
C ARG A 371 29.19 11.66 -0.34
N PRO A 372 29.92 12.77 -0.45
CA PRO A 372 29.25 14.01 -0.89
C PRO A 372 28.50 13.74 -2.18
N GLY A 373 27.29 14.29 -2.27
CA GLY A 373 26.45 13.97 -3.40
C GLY A 373 25.80 15.18 -4.05
N LYS A 374 24.85 14.92 -4.94
CA LYS A 374 24.17 15.96 -5.69
C LYS A 374 22.73 15.51 -5.87
N CYS A 375 21.81 16.46 -5.78
CA CYS A 375 20.40 16.18 -5.98
C CYS A 375 19.88 17.16 -7.02
N PHE A 376 19.32 16.62 -8.10
CA PHE A 376 18.79 17.41 -9.21
C PHE A 376 17.27 17.47 -9.08
N ARG A 377 16.78 18.62 -8.63
CA ARG A 377 15.35 18.83 -8.45
C ARG A 377 14.81 19.42 -9.74
N LEU A 378 13.84 18.73 -10.36
CA LEU A 378 13.37 19.13 -11.67
C LEU A 378 12.30 20.21 -11.55
N TYR A 379 12.63 21.30 -10.89
CA TYR A 379 11.71 22.42 -10.72
C TYR A 379 12.53 23.62 -10.27
N THR A 380 11.88 24.77 -10.20
CA THR A 380 12.59 25.98 -9.79
C THR A 380 12.61 26.10 -8.27
N GLU A 381 13.54 26.91 -7.79
CA GLU A 381 13.64 27.17 -6.35
C GLU A 381 12.40 27.88 -5.83
N LYS A 382 11.80 28.77 -6.62
CA LYS A 382 10.56 29.40 -6.18
C LYS A 382 9.42 28.39 -6.12
N ALA A 383 9.38 27.41 -7.04
CA ALA A 383 8.41 26.33 -6.92
C ALA A 383 8.63 25.55 -5.63
N TYR A 384 9.89 25.33 -5.25
CA TYR A 384 10.16 24.69 -3.97
C TYR A 384 9.62 25.55 -2.82
N LYS A 385 9.78 26.87 -2.91
CA LYS A 385 9.45 27.73 -1.79
C LYS A 385 7.96 28.07 -1.72
N THR A 386 7.27 28.19 -2.86
CA THR A 386 5.90 28.66 -2.86
C THR A 386 4.89 27.65 -3.34
N GLU A 387 5.33 26.52 -3.88
CA GLU A 387 4.41 25.54 -4.42
C GLU A 387 4.41 24.24 -3.62
N MET A 388 5.39 24.01 -2.75
CA MET A 388 5.47 22.79 -1.97
C MET A 388 5.21 23.08 -0.50
N GLN A 389 4.26 22.34 0.09
CA GLN A 389 3.94 22.49 1.50
C GLN A 389 5.08 22.01 2.37
N ASP A 390 5.17 22.55 3.59
CA ASP A 390 6.24 22.13 4.50
C ASP A 390 6.23 20.64 4.75
N ASN A 391 5.05 20.05 4.98
CA ASN A 391 5.00 18.65 5.36
C ASN A 391 3.90 17.92 4.62
N THR A 392 4.12 16.62 4.42
CA THR A 392 3.09 15.75 3.88
C THR A 392 1.93 15.62 4.87
N TYR A 393 0.72 15.69 4.36
CA TYR A 393 -0.43 15.42 5.20
C TYR A 393 -0.42 13.97 5.65
N PRO A 394 -0.61 13.69 6.94
CA PRO A 394 -0.78 12.31 7.37
C PRO A 394 -1.90 11.63 6.62
N GLU A 395 -1.68 10.36 6.29
CA GLU A 395 -2.59 9.60 5.44
C GLU A 395 -4.00 9.60 5.98
N ILE A 396 -4.15 9.59 7.31
CA ILE A 396 -5.46 9.58 7.97
C ILE A 396 -6.33 10.77 7.56
N LEU A 397 -5.71 11.86 7.12
CA LEU A 397 -6.44 13.08 6.78
C LEU A 397 -6.88 13.13 5.34
N ARG A 398 -6.50 12.14 4.52
CA ARG A 398 -6.83 12.17 3.10
C ARG A 398 -7.22 10.79 2.57
N SER A 399 -7.69 9.91 3.44
CA SER A 399 -7.93 8.52 3.09
C SER A 399 -9.39 8.11 3.36
N ASN A 400 -9.79 7.03 2.70
CA ASN A 400 -11.06 6.34 2.92
C ASN A 400 -10.93 5.53 4.21
N LEU A 401 -11.78 5.81 5.20
CA LEU A 401 -11.63 5.14 6.49
C LEU A 401 -12.53 3.91 6.61
N GLY A 402 -13.21 3.50 5.54
CA GLY A 402 -14.14 2.39 5.66
C GLY A 402 -13.51 1.15 6.22
N SER A 403 -12.34 0.77 5.70
CA SER A 403 -11.75 -0.46 6.20
C SER A 403 -11.12 -0.28 7.59
N VAL A 404 -10.70 0.95 7.93
CA VAL A 404 -10.15 1.18 9.25
C VAL A 404 -11.25 1.23 10.30
N VAL A 405 -12.39 1.84 9.98
CA VAL A 405 -13.49 1.83 10.93
C VAL A 405 -13.93 0.41 11.19
N LEU A 406 -14.06 -0.39 10.13
CA LEU A 406 -14.46 -1.78 10.29
C LEU A 406 -13.49 -2.55 11.17
N GLN A 407 -12.17 -2.35 10.97
CA GLN A 407 -11.20 -3.04 11.83
C GLN A 407 -11.26 -2.56 13.27
N LEU A 408 -11.47 -1.26 13.51
CA LEU A 408 -11.58 -0.78 14.88
C LEU A 408 -12.81 -1.37 15.57
N LYS A 409 -13.93 -1.40 14.87
CA LYS A 409 -15.13 -1.96 15.48
C LYS A 409 -14.93 -3.45 15.79
N LYS A 410 -14.31 -4.19 14.86
CA LYS A 410 -13.95 -5.58 15.09
C LYS A 410 -13.05 -5.71 16.33
N LEU A 411 -12.13 -4.78 16.49
CA LEU A 411 -11.24 -4.76 17.65
C LEU A 411 -11.98 -4.41 18.93
N GLY A 412 -13.26 -4.10 18.87
CA GLY A 412 -13.99 -3.74 20.06
C GLY A 412 -13.90 -2.28 20.42
N ILE A 413 -13.38 -1.44 19.53
CA ILE A 413 -13.26 -0.02 19.81
C ILE A 413 -14.51 0.64 19.25
N ASP A 414 -15.46 0.98 20.14
CA ASP A 414 -16.75 1.49 19.71
C ASP A 414 -16.78 3.01 19.57
N ASP A 415 -16.06 3.74 20.43
CA ASP A 415 -16.10 5.20 20.33
C ASP A 415 -14.98 5.68 19.41
N LEU A 416 -15.32 5.89 18.13
CA LEU A 416 -14.35 6.40 17.17
C LEU A 416 -14.26 7.91 17.15
N VAL A 417 -15.17 8.61 17.83
CA VAL A 417 -15.06 10.06 17.95
C VAL A 417 -13.93 10.42 18.89
N HIS A 418 -13.77 9.66 19.98
CA HIS A 418 -12.78 10.01 20.98
C HIS A 418 -11.56 9.10 20.96
N PHE A 419 -11.51 8.09 20.09
CA PHE A 419 -10.28 7.33 19.87
C PHE A 419 -9.11 8.29 19.75
N ASP A 420 -7.98 7.93 20.36
CA ASP A 420 -6.85 8.84 20.50
C ASP A 420 -5.99 8.88 19.22
N PHE A 421 -6.60 9.35 18.13
CA PHE A 421 -5.84 9.59 16.91
C PHE A 421 -4.80 10.65 17.16
N MET A 422 -3.58 10.42 16.67
CA MET A 422 -2.61 11.50 16.74
C MET A 422 -3.05 12.70 15.92
N ASP A 423 -3.67 12.47 14.77
CA ASP A 423 -4.23 13.51 13.91
C ASP A 423 -5.62 13.03 13.55
N PRO A 424 -6.64 13.45 14.29
CA PRO A 424 -8.01 12.93 14.07
C PRO A 424 -8.51 13.32 12.69
N PRO A 425 -9.24 12.43 12.03
CA PRO A 425 -9.80 12.75 10.72
C PRO A 425 -10.99 13.68 10.84
N ALA A 426 -11.39 14.22 9.70
CA ALA A 426 -12.53 15.11 9.67
C ALA A 426 -13.80 14.31 10.00
N PRO A 427 -14.74 14.90 10.74
CA PRO A 427 -16.03 14.23 10.98
C PRO A 427 -16.69 13.66 9.73
N GLU A 428 -16.75 14.44 8.64
CA GLU A 428 -17.43 14.00 7.43
C GLU A 428 -16.85 12.70 6.93
N THR A 429 -15.52 12.57 6.98
CA THR A 429 -14.89 11.35 6.50
C THR A 429 -15.29 10.16 7.36
N LEU A 430 -15.33 10.36 8.67
CA LEU A 430 -15.79 9.27 9.54
C LEU A 430 -17.25 8.94 9.26
N MET A 431 -18.07 9.97 8.99
CA MET A 431 -19.45 9.75 8.57
C MET A 431 -19.54 8.86 7.33
N ARG A 432 -18.80 9.18 6.27
CA ARG A 432 -18.90 8.37 5.06
C ARG A 432 -18.49 6.94 5.34
N ALA A 433 -17.53 6.73 6.24
CA ALA A 433 -17.12 5.36 6.55
C ALA A 433 -18.23 4.60 7.27
N LEU A 434 -18.83 5.22 8.27
CA LEU A 434 -19.98 4.62 8.95
C LEU A 434 -21.14 4.38 7.98
N GLU A 435 -21.38 5.35 7.09
CA GLU A 435 -22.48 5.21 6.15
C GLU A 435 -22.24 4.03 5.20
N LEU A 436 -21.02 3.93 4.67
CA LEU A 436 -20.63 2.81 3.82
C LEU A 436 -20.86 1.47 4.51
N LEU A 437 -20.36 1.33 5.75
CA LEU A 437 -20.43 0.06 6.43
C LEU A 437 -21.88 -0.28 6.79
N ASN A 438 -22.70 0.74 7.05
CA ASN A 438 -24.13 0.52 7.26
C ASN A 438 -24.80 0.04 5.97
N TYR A 439 -24.55 0.72 4.85
CA TYR A 439 -25.12 0.28 3.57
C TYR A 439 -24.76 -1.16 3.25
N LEU A 440 -23.53 -1.55 3.56
CA LEU A 440 -23.05 -2.91 3.33
C LEU A 440 -23.53 -3.88 4.41
N ALA A 441 -24.27 -3.37 5.41
CA ALA A 441 -24.82 -4.16 6.51
C ALA A 441 -23.72 -4.74 7.39
N ALA A 442 -22.57 -4.06 7.42
CA ALA A 442 -21.51 -4.41 8.35
C ALA A 442 -21.74 -3.78 9.72
N LEU A 443 -22.39 -2.61 9.77
CA LEU A 443 -22.88 -2.01 11.01
C LEU A 443 -24.40 -1.89 10.90
N ASN A 444 -25.08 -2.00 12.03
CA ASN A 444 -26.52 -1.80 12.01
C ASN A 444 -26.84 -0.32 12.19
N ASP A 445 -28.12 0.03 12.31
CA ASP A 445 -28.49 1.44 12.45
C ASP A 445 -28.05 2.03 13.78
N ASP A 446 -27.71 1.19 14.76
CA ASP A 446 -27.09 1.70 15.98
C ASP A 446 -25.58 1.89 15.84
N GLY A 447 -24.98 1.55 14.69
CA GLY A 447 -23.54 1.62 14.54
C GLY A 447 -22.78 0.47 15.12
N ASP A 448 -23.45 -0.61 15.50
CA ASP A 448 -22.80 -1.77 16.10
C ASP A 448 -22.41 -2.79 15.04
N LEU A 449 -21.31 -3.48 15.31
CA LEU A 449 -20.85 -4.51 14.40
C LEU A 449 -21.88 -5.62 14.34
N THR A 450 -22.25 -6.02 13.13
CA THR A 450 -23.12 -7.16 12.90
C THR A 450 -22.27 -8.41 12.67
N GLU A 451 -22.92 -9.57 12.67
CA GLU A 451 -22.18 -10.81 12.38
C GLU A 451 -21.56 -10.78 10.99
N LEU A 452 -22.27 -10.22 10.01
CA LEU A 452 -21.69 -10.05 8.69
C LEU A 452 -20.48 -9.13 8.74
N GLY A 453 -20.62 -7.99 9.42
CA GLY A 453 -19.47 -7.11 9.63
C GLY A 453 -18.28 -7.83 10.23
N SER A 454 -18.52 -8.60 11.30
CA SER A 454 -17.42 -9.28 11.97
C SER A 454 -16.69 -10.22 11.02
N MET A 455 -17.43 -10.91 10.17
CA MET A 455 -16.81 -11.83 9.24
C MET A 455 -16.19 -11.11 8.05
N MET A 456 -16.81 -10.03 7.56
CA MET A 456 -16.13 -9.20 6.57
C MET A 456 -14.77 -8.74 7.06
N ALA A 457 -14.65 -8.41 8.35
CA ALA A 457 -13.40 -7.85 8.86
C ALA A 457 -12.25 -8.85 8.80
N GLU A 458 -12.56 -10.13 8.77
CA GLU A 458 -11.57 -11.19 8.64
C GLU A 458 -11.00 -11.30 7.24
N PHE A 459 -11.60 -10.62 6.25
CA PHE A 459 -11.02 -10.66 4.92
C PHE A 459 -10.11 -9.47 4.69
N PRO A 460 -8.87 -9.66 4.24
CA PRO A 460 -7.99 -8.50 4.01
C PRO A 460 -8.26 -7.85 2.66
N LEU A 461 -9.46 -7.27 2.58
CA LEU A 461 -10.04 -6.71 1.38
C LEU A 461 -10.82 -5.47 1.75
N ASP A 462 -10.93 -4.55 0.79
CA ASP A 462 -11.91 -3.50 0.90
C ASP A 462 -13.24 -4.09 1.37
N PRO A 463 -13.97 -3.41 2.26
CA PRO A 463 -15.30 -3.93 2.68
C PRO A 463 -16.22 -4.25 1.50
N GLN A 464 -16.14 -3.49 0.42
CA GLN A 464 -16.98 -3.78 -0.75
C GLN A 464 -16.68 -5.17 -1.29
N LEU A 465 -15.38 -5.50 -1.45
CA LEU A 465 -14.98 -6.83 -1.94
C LEU A 465 -15.33 -7.93 -0.97
N ALA A 466 -15.07 -7.73 0.33
CA ALA A 466 -15.38 -8.76 1.31
C ALA A 466 -16.86 -9.09 1.29
N LYS A 467 -17.70 -8.06 1.28
CA LYS A 467 -19.14 -8.28 1.21
C LYS A 467 -19.53 -9.08 -0.04
N MET A 468 -19.03 -8.64 -1.20
CA MET A 468 -19.25 -9.35 -2.46
C MET A 468 -18.86 -10.82 -2.37
N VAL A 469 -17.67 -11.10 -1.82
CA VAL A 469 -17.23 -12.49 -1.67
C VAL A 469 -18.22 -13.28 -0.82
N ILE A 470 -18.61 -12.73 0.32
CA ILE A 470 -19.50 -13.42 1.25
C ILE A 470 -20.90 -13.59 0.66
N ALA A 471 -21.44 -12.54 0.06
CA ALA A 471 -22.81 -12.62 -0.48
C ALA A 471 -22.92 -13.52 -1.70
N SER A 472 -21.81 -13.71 -2.45
CA SER A 472 -21.89 -14.50 -3.67
C SER A 472 -22.22 -15.95 -3.39
N CYS A 473 -21.91 -16.44 -2.19
CA CYS A 473 -22.32 -17.79 -1.79
C CYS A 473 -23.81 -18.03 -2.01
N ASP A 474 -24.65 -17.02 -1.72
CA ASP A 474 -26.11 -17.13 -1.92
C ASP A 474 -26.52 -17.07 -3.38
N TYR A 475 -25.62 -16.62 -4.25
CA TYR A 475 -25.86 -16.63 -5.69
C TYR A 475 -25.21 -17.83 -6.36
N ASN A 476 -24.73 -18.78 -5.57
CA ASN A 476 -24.15 -20.04 -6.05
CA ASN A 476 -24.21 -20.04 -6.11
C ASN A 476 -23.07 -19.78 -7.11
N CYS A 477 -22.24 -18.73 -6.84
CA CYS A 477 -21.16 -18.39 -7.75
C CYS A 477 -19.92 -17.87 -7.01
N SER A 478 -19.76 -18.23 -5.75
CA SER A 478 -18.60 -17.80 -4.98
C SER A 478 -17.29 -18.27 -5.58
N ASN A 479 -17.30 -19.42 -6.28
CA ASN A 479 -16.07 -19.86 -6.94
C ASN A 479 -15.58 -18.81 -7.91
N GLU A 480 -16.50 -18.27 -8.72
CA GLU A 480 -16.12 -17.30 -9.74
C GLU A 480 -15.91 -15.91 -9.16
N VAL A 481 -16.70 -15.53 -8.15
CA VAL A 481 -16.48 -14.22 -7.53
C VAL A 481 -15.16 -14.23 -6.76
N LEU A 482 -14.77 -15.38 -6.21
CA LEU A 482 -13.42 -15.52 -5.63
C LEU A 482 -12.34 -15.26 -6.68
N SER A 483 -12.49 -15.87 -7.85
CA SER A 483 -11.49 -15.67 -8.91
C SER A 483 -11.41 -14.20 -9.31
N ILE A 484 -12.57 -13.58 -9.53
CA ILE A 484 -12.63 -12.17 -9.87
C ILE A 484 -11.98 -11.33 -8.76
N THR A 485 -12.33 -11.61 -7.51
CA THR A 485 -11.73 -10.90 -6.39
C THR A 485 -10.22 -11.03 -6.42
N ALA A 486 -9.71 -12.23 -6.63
CA ALA A 486 -8.25 -12.39 -6.71
C ALA A 486 -7.67 -11.55 -7.84
N MET A 487 -8.31 -11.54 -9.02
CA MET A 487 -7.76 -10.73 -10.11
C MET A 487 -7.80 -9.24 -9.81
N LEU A 488 -8.83 -8.78 -9.09
CA LEU A 488 -8.92 -7.36 -8.72
C LEU A 488 -7.91 -6.99 -7.64
N SER A 489 -7.29 -7.97 -6.99
CA SER A 489 -6.38 -7.75 -5.87
C SER A 489 -4.92 -7.68 -6.29
N VAL A 490 -4.64 -7.69 -7.60
CA VAL A 490 -3.27 -7.73 -8.10
C VAL A 490 -3.12 -6.73 -9.23
N PRO A 491 -1.90 -6.44 -9.70
CA PRO A 491 -1.74 -5.44 -10.75
C PRO A 491 -2.41 -5.88 -12.05
N GLN A 492 -2.73 -4.89 -12.87
CA GLN A 492 -3.16 -5.06 -14.26
C GLN A 492 -2.58 -6.32 -14.91
N CYS A 493 -3.44 -7.17 -15.51
CA CYS A 493 -2.96 -8.41 -16.11
C CYS A 493 -2.69 -8.31 -17.62
N PHE A 494 -3.02 -7.19 -18.27
CA PHE A 494 -2.86 -7.07 -19.71
C PHE A 494 -1.60 -6.26 -20.03
N VAL A 495 -0.65 -6.90 -20.69
CA VAL A 495 0.58 -6.25 -21.08
C VAL A 495 0.33 -5.50 -22.38
N ARG A 496 0.67 -4.21 -22.40
CA ARG A 496 0.35 -3.33 -23.53
C ARG A 496 1.56 -2.47 -23.83
N PRO A 497 2.52 -2.99 -24.63
CA PRO A 497 3.72 -2.22 -24.94
C PRO A 497 3.40 -1.02 -25.82
N THR A 498 4.10 0.09 -25.56
CA THR A 498 3.95 1.32 -26.34
C THR A 498 4.03 1.08 -27.85
N GLU A 499 4.95 0.21 -28.28
CA GLU A 499 5.18 -0.01 -29.70
C GLU A 499 4.32 -1.12 -30.28
N ALA A 500 3.46 -1.76 -29.50
CA ALA A 500 2.65 -2.87 -30.01
C ALA A 500 1.24 -2.79 -29.43
N LYS A 501 0.63 -1.61 -29.54
CA LYS A 501 -0.69 -1.43 -28.92
C LYS A 501 -1.74 -2.28 -29.62
N LYS A 502 -1.71 -2.32 -30.95
CA LYS A 502 -2.71 -3.09 -31.67
C LYS A 502 -2.59 -4.57 -31.34
N ALA A 503 -1.35 -5.09 -31.33
CA ALA A 503 -1.19 -6.50 -31.02
C ALA A 503 -1.63 -6.82 -29.60
N ALA A 504 -1.23 -5.99 -28.62
CA ALA A 504 -1.72 -6.23 -27.25
C ALA A 504 -3.23 -6.15 -27.17
N ASP A 505 -3.84 -5.19 -27.88
CA ASP A 505 -5.29 -5.05 -27.76
C ASP A 505 -6.01 -6.19 -28.44
N GLU A 506 -5.46 -6.72 -29.54
CA GLU A 506 -6.06 -7.87 -30.20
C GLU A 506 -5.97 -9.11 -29.30
N ALA A 507 -4.85 -9.30 -28.62
CA ALA A 507 -4.75 -10.41 -27.66
C ALA A 507 -5.73 -10.23 -26.51
N LYS A 508 -5.88 -9.01 -26.01
CA LYS A 508 -6.84 -8.79 -24.93
C LYS A 508 -8.26 -9.19 -25.36
N MET A 509 -8.64 -8.88 -26.58
CA MET A 509 -10.03 -9.14 -26.98
C MET A 509 -10.32 -10.63 -27.13
N ARG A 510 -9.29 -11.48 -27.21
CA ARG A 510 -9.52 -12.92 -27.14
C ARG A 510 -10.25 -13.32 -25.85
N PHE A 511 -10.13 -12.52 -24.80
CA PHE A 511 -10.71 -12.85 -23.50
C PHE A 511 -11.96 -12.05 -23.21
N ALA A 512 -12.36 -11.15 -24.10
CA ALA A 512 -13.41 -10.19 -23.78
C ALA A 512 -14.76 -10.87 -23.59
N HIS A 513 -15.41 -10.58 -22.48
CA HIS A 513 -16.78 -11.04 -22.28
C HIS A 513 -17.70 -9.93 -22.75
N ILE A 514 -18.79 -10.31 -23.42
CA ILE A 514 -19.73 -9.34 -23.96
C ILE A 514 -20.28 -8.41 -22.88
N ASP A 515 -20.40 -8.89 -21.64
CA ASP A 515 -20.93 -8.09 -20.53
C ASP A 515 -19.87 -7.30 -19.78
N GLY A 516 -18.58 -7.42 -20.13
CA GLY A 516 -17.66 -6.39 -19.69
C GLY A 516 -16.39 -6.92 -19.05
N ASP A 517 -15.81 -6.07 -18.20
CA ASP A 517 -14.43 -6.22 -17.73
C ASP A 517 -14.28 -7.21 -16.60
N HIS A 518 -15.23 -7.23 -15.65
CA HIS A 518 -15.09 -8.16 -14.52
C HIS A 518 -15.09 -9.60 -15.02
N LEU A 519 -15.96 -9.90 -15.98
CA LEU A 519 -16.03 -11.26 -16.50
C LEU A 519 -14.86 -11.55 -17.43
N THR A 520 -14.33 -10.54 -18.09
CA THR A 520 -13.08 -10.72 -18.82
C THR A 520 -11.95 -11.17 -17.89
N LEU A 521 -11.90 -10.62 -16.67
CA LEU A 521 -10.85 -11.05 -15.73
C LEU A 521 -11.04 -12.52 -15.36
N LEU A 522 -12.29 -12.93 -15.19
CA LEU A 522 -12.61 -14.34 -14.99
C LEU A 522 -12.13 -15.18 -16.16
N ASN A 523 -12.40 -14.73 -17.40
CA ASN A 523 -11.91 -15.45 -18.58
C ASN A 523 -10.39 -15.63 -18.54
N VAL A 524 -9.65 -14.56 -18.21
CA VAL A 524 -8.17 -14.63 -18.18
C VAL A 524 -7.71 -15.65 -17.14
N TYR A 525 -8.24 -15.54 -15.91
CA TYR A 525 -7.86 -16.46 -14.85
C TYR A 525 -8.19 -17.91 -15.23
N HIS A 526 -9.42 -18.17 -15.72
CA HIS A 526 -9.74 -19.53 -16.12
CA HIS A 526 -9.76 -19.53 -16.14
C HIS A 526 -8.78 -20.04 -17.19
N ALA A 527 -8.50 -19.22 -18.19
CA ALA A 527 -7.60 -19.65 -19.27
C ALA A 527 -6.19 -19.90 -18.75
N PHE A 528 -5.70 -19.03 -17.86
CA PHE A 528 -4.42 -19.23 -17.20
C PHE A 528 -4.35 -20.60 -16.53
N LYS A 529 -5.36 -20.93 -15.73
CA LYS A 529 -5.38 -22.23 -15.05
C LYS A 529 -5.48 -23.39 -16.04
N GLN A 530 -6.30 -23.28 -17.08
CA GLN A 530 -6.42 -24.45 -17.93
C GLN A 530 -5.22 -24.63 -18.85
N ASN A 531 -4.36 -23.63 -18.98
CA ASN A 531 -3.09 -23.78 -19.67
C ASN A 531 -1.90 -23.96 -18.72
N HIS A 532 -2.18 -24.38 -17.48
CA HIS A 532 -1.18 -24.88 -16.54
C HIS A 532 -0.11 -23.85 -16.23
N GLU A 533 -0.55 -22.61 -15.99
CA GLU A 533 0.31 -21.55 -15.45
C GLU A 533 1.55 -21.32 -16.32
N SER A 534 1.36 -21.45 -17.63
CA SER A 534 2.47 -21.40 -18.57
C SER A 534 2.97 -19.98 -18.80
N VAL A 535 4.28 -19.77 -18.59
CA VAL A 535 4.93 -18.54 -19.01
C VAL A 535 4.77 -18.32 -20.51
N GLN A 536 4.97 -19.37 -21.30
CA GLN A 536 4.86 -19.21 -22.76
C GLN A 536 3.45 -18.77 -23.16
N TRP A 537 2.43 -19.35 -22.53
CA TRP A 537 1.04 -18.98 -22.87
C TRP A 537 0.75 -17.52 -22.52
N CYS A 538 1.32 -17.03 -21.41
CA CYS A 538 1.20 -15.63 -21.04
C CYS A 538 1.80 -14.72 -22.11
N TYR A 539 3.00 -15.05 -22.59
CA TYR A 539 3.62 -14.25 -23.66
C TYR A 539 2.75 -14.29 -24.92
N ASP A 540 2.33 -15.50 -25.34
CA ASP A 540 1.48 -15.65 -26.52
C ASP A 540 0.24 -14.77 -26.47
N ASN A 541 -0.25 -14.44 -25.28
CA ASN A 541 -1.53 -13.74 -25.12
C ASN A 541 -1.39 -12.38 -24.45
N PHE A 542 -0.17 -11.84 -24.30
CA PHE A 542 0.06 -10.53 -23.68
C PHE A 542 -0.59 -10.45 -22.30
N ILE A 543 -0.50 -11.55 -21.55
CA ILE A 543 -0.97 -11.63 -20.17
C ILE A 543 0.23 -11.49 -19.25
N ASN A 544 0.04 -10.81 -18.12
CA ASN A 544 1.15 -10.54 -17.21
C ASN A 544 1.33 -11.76 -16.32
N TYR A 545 2.42 -12.48 -16.53
CA TYR A 545 2.63 -13.73 -15.78
C TYR A 545 2.69 -13.48 -14.29
N ARG A 546 3.31 -12.37 -13.85
CA ARG A 546 3.43 -12.15 -12.41
CA ARG A 546 3.43 -12.16 -12.41
C ARG A 546 2.09 -11.81 -11.80
N SER A 547 1.24 -11.09 -12.53
CA SER A 547 -0.07 -10.78 -12.00
C SER A 547 -0.90 -12.04 -11.81
N LEU A 548 -0.80 -12.97 -12.75
CA LEU A 548 -1.64 -14.16 -12.69
C LEU A 548 -1.15 -15.13 -11.62
N MET A 549 0.16 -15.28 -11.49
CA MET A 549 0.70 -16.05 -10.38
C MET A 549 0.30 -15.42 -9.05
N SER A 550 0.30 -14.09 -8.97
CA SER A 550 -0.11 -13.46 -7.72
C SER A 550 -1.61 -13.64 -7.46
N ALA A 551 -2.43 -13.59 -8.52
CA ALA A 551 -3.86 -13.82 -8.34
C ALA A 551 -4.12 -15.24 -7.85
N ASP A 552 -3.36 -16.20 -8.37
CA ASP A 552 -3.57 -17.58 -7.96
C ASP A 552 -3.27 -17.74 -6.47
N ASN A 553 -2.20 -17.08 -5.99
CA ASN A 553 -1.86 -17.14 -4.56
C ASN A 553 -2.96 -16.49 -3.72
N VAL A 554 -3.40 -15.29 -4.12
CA VAL A 554 -4.46 -14.59 -3.41
C VAL A 554 -5.71 -15.46 -3.35
N ARG A 555 -6.09 -16.07 -4.47
CA ARG A 555 -7.31 -16.88 -4.47
C ARG A 555 -7.17 -18.05 -3.49
N GLN A 556 -6.01 -18.69 -3.50
CA GLN A 556 -5.76 -19.79 -2.57
C GLN A 556 -5.90 -19.32 -1.12
N GLN A 557 -5.32 -18.16 -0.79
CA GLN A 557 -5.35 -17.68 0.59
C GLN A 557 -6.75 -17.24 0.99
N LEU A 558 -7.47 -16.60 0.06
CA LEU A 558 -8.87 -16.25 0.31
C LEU A 558 -9.72 -17.49 0.52
N SER A 559 -9.45 -18.55 -0.22
CA SER A 559 -10.30 -19.72 -0.07
C SER A 559 -10.08 -20.41 1.26
N ARG A 560 -8.92 -20.23 1.90
CA ARG A 560 -8.74 -20.76 3.25
C ARG A 560 -9.59 -19.98 4.25
N ILE A 561 -9.70 -18.66 4.06
CA ILE A 561 -10.62 -17.88 4.89
C ILE A 561 -12.06 -18.38 4.72
N MET A 562 -12.45 -18.70 3.48
CA MET A 562 -13.78 -19.22 3.24
CA MET A 562 -13.78 -19.25 3.20
C MET A 562 -14.01 -20.53 3.98
N ASP A 563 -13.07 -21.47 3.85
CA ASP A 563 -13.17 -22.72 4.59
C ASP A 563 -13.29 -22.49 6.09
N ARG A 564 -12.53 -21.53 6.62
CA ARG A 564 -12.51 -21.32 8.07
C ARG A 564 -13.86 -20.86 8.58
N PHE A 565 -14.56 -20.06 7.78
CA PHE A 565 -15.90 -19.60 8.12
C PHE A 565 -17.00 -20.45 7.50
N ASN A 566 -16.67 -21.61 6.95
CA ASN A 566 -17.65 -22.53 6.36
C ASN A 566 -18.50 -21.84 5.30
N LEU A 567 -17.91 -20.91 4.56
CA LEU A 567 -18.59 -20.27 3.44
C LEU A 567 -18.44 -21.15 2.22
N PRO A 568 -19.54 -21.59 1.61
CA PRO A 568 -19.42 -22.59 0.54
C PRO A 568 -18.83 -21.97 -0.72
N ARG A 569 -18.06 -22.80 -1.43
CA ARG A 569 -17.39 -22.40 -2.66
C ARG A 569 -18.16 -23.07 -3.80
N ARG A 570 -18.97 -22.27 -4.50
CA ARG A 570 -20.02 -22.81 -5.37
C ARG A 570 -19.91 -22.26 -6.78
N SER A 571 -20.36 -23.09 -7.74
CA SER A 571 -20.59 -22.62 -9.10
C SER A 571 -21.93 -23.14 -9.58
N THR A 572 -22.50 -22.39 -10.52
CA THR A 572 -23.71 -22.71 -11.24
C THR A 572 -23.35 -23.52 -12.49
N ASP A 573 -24.34 -24.20 -13.05
CA ASP A 573 -24.20 -24.92 -14.31
C ASP A 573 -23.77 -23.95 -15.40
N PHE A 574 -22.64 -24.26 -16.05
CA PHE A 574 -22.16 -23.37 -17.11
C PHE A 574 -23.07 -23.35 -18.33
N THR A 575 -23.90 -24.36 -18.52
CA THR A 575 -24.77 -24.38 -19.69
C THR A 575 -26.00 -23.49 -19.54
N SER A 576 -26.29 -23.04 -18.32
CA SER A 576 -27.45 -22.22 -18.04
C SER A 576 -27.15 -20.74 -18.23
N ARG A 577 -28.17 -19.97 -18.57
CA ARG A 577 -28.03 -18.52 -18.70
C ARG A 577 -27.60 -17.89 -17.38
N ASP A 578 -28.01 -18.50 -16.27
CA ASP A 578 -27.79 -17.94 -14.95
C ASP A 578 -26.34 -17.93 -14.54
N TYR A 579 -25.45 -18.61 -15.27
CA TYR A 579 -24.04 -18.61 -14.89
C TYR A 579 -23.51 -17.17 -14.82
N TYR A 580 -23.59 -16.45 -15.94
CA TYR A 580 -23.08 -15.09 -15.97
C TYR A 580 -24.06 -14.09 -15.33
N ILE A 581 -25.35 -14.39 -15.28
CA ILE A 581 -26.27 -13.49 -14.60
C ILE A 581 -26.06 -13.54 -13.08
N ASN A 582 -25.83 -14.73 -12.53
CA ASN A 582 -25.58 -14.83 -11.10
C ASN A 582 -24.32 -14.09 -10.70
N ILE A 583 -23.28 -14.16 -11.53
CA ILE A 583 -22.03 -13.51 -11.19
C ILE A 583 -22.21 -11.99 -11.24
N ARG A 584 -22.93 -11.50 -12.28
CA ARG A 584 -23.18 -10.07 -12.40
C ARG A 584 -24.02 -9.55 -11.23
N LYS A 585 -25.05 -10.31 -10.83
CA LYS A 585 -25.81 -9.94 -9.64
C LYS A 585 -24.92 -9.91 -8.39
N ALA A 586 -24.03 -10.91 -8.23
CA ALA A 586 -23.17 -10.91 -7.04
C ALA A 586 -22.30 -9.67 -6.97
N LEU A 587 -21.82 -9.19 -8.13
CA LEU A 587 -21.01 -7.98 -8.13
C LEU A 587 -21.76 -6.82 -7.52
N VAL A 588 -23.07 -6.74 -7.77
CA VAL A 588 -23.89 -5.67 -7.22
C VAL A 588 -23.91 -5.72 -5.69
N THR A 589 -23.76 -6.89 -5.10
CA THR A 589 -23.89 -6.95 -3.64
C THR A 589 -22.79 -6.14 -2.95
N GLY A 590 -21.63 -5.95 -3.60
CA GLY A 590 -20.59 -5.14 -3.01
C GLY A 590 -20.39 -3.77 -3.64
N TYR A 591 -20.73 -3.64 -4.93
CA TYR A 591 -20.39 -2.45 -5.67
C TYR A 591 -21.61 -1.69 -6.18
N PHE A 592 -22.73 -1.79 -5.46
CA PHE A 592 -23.95 -1.05 -5.80
C PHE A 592 -23.76 0.45 -5.69
N MET A 593 -22.79 0.93 -4.91
CA MET A 593 -22.53 2.38 -4.87
C MET A 593 -21.65 2.87 -6.02
N GLN A 594 -21.02 1.98 -6.77
CA GLN A 594 -20.16 2.35 -7.90
C GLN A 594 -20.87 1.99 -9.21
N VAL A 595 -21.88 2.78 -9.55
CA VAL A 595 -22.73 2.50 -10.68
C VAL A 595 -22.91 3.80 -11.44
N ALA A 596 -23.00 3.70 -12.75
CA ALA A 596 -23.19 4.88 -13.58
C ALA A 596 -24.27 4.61 -14.61
N HIS A 597 -24.96 5.68 -14.99
CA HIS A 597 -26.09 5.58 -15.91
C HIS A 597 -25.77 6.32 -17.22
N LEU A 598 -26.03 5.65 -18.36
CA LEU A 598 -25.79 6.26 -19.66
C LEU A 598 -26.81 7.36 -19.93
N GLU A 599 -26.33 8.57 -20.10
CA GLU A 599 -27.25 9.69 -20.32
C GLU A 599 -27.49 9.83 -21.82
N ARG A 600 -28.52 10.64 -22.13
CA ARG A 600 -29.02 10.76 -23.50
C ARG A 600 -27.93 11.12 -24.50
N THR A 601 -26.96 11.95 -24.10
CA THR A 601 -25.97 12.44 -25.04
C THR A 601 -24.71 11.61 -25.06
N GLY A 602 -24.66 10.51 -24.34
CA GLY A 602 -23.59 9.54 -24.50
C GLY A 602 -22.52 9.53 -23.45
N HIS A 603 -22.53 10.44 -22.48
CA HIS A 603 -21.66 10.33 -21.32
C HIS A 603 -22.37 9.52 -20.24
N TYR A 604 -21.61 9.19 -19.19
CA TYR A 604 -22.18 8.50 -18.04
C TYR A 604 -22.30 9.45 -16.85
N LEU A 605 -23.24 9.15 -15.98
CA LEU A 605 -23.43 9.91 -14.75
C LEU A 605 -23.48 8.93 -13.59
N THR A 606 -22.56 9.08 -12.63
CA THR A 606 -22.55 8.18 -11.48
C THR A 606 -23.80 8.42 -10.62
N VAL A 607 -24.33 7.37 -10.03
CA VAL A 607 -25.59 7.52 -9.32
C VAL A 607 -25.36 8.29 -8.03
N LYS A 608 -26.31 9.16 -7.68
CA LYS A 608 -26.31 9.95 -6.44
C LYS A 608 -25.26 11.05 -6.41
N ASP A 609 -24.01 10.70 -6.63
CA ASP A 609 -22.95 11.70 -6.61
C ASP A 609 -22.80 12.44 -7.94
N ASN A 610 -23.38 11.93 -9.02
CA ASN A 610 -23.52 12.68 -10.27
C ASN A 610 -22.18 13.11 -10.85
N GLN A 611 -21.23 12.19 -10.92
CA GLN A 611 -19.97 12.48 -11.59
C GLN A 611 -20.13 12.19 -13.09
N VAL A 612 -19.84 13.19 -13.92
CA VAL A 612 -19.75 12.95 -15.35
C VAL A 612 -18.47 12.17 -15.64
N VAL A 613 -18.61 10.98 -16.20
CA VAL A 613 -17.50 10.07 -16.43
C VAL A 613 -17.66 9.44 -17.82
N GLN A 614 -16.60 8.81 -18.29
CA GLN A 614 -16.76 7.95 -19.46
C GLN A 614 -16.09 6.62 -19.18
N LEU A 615 -16.44 5.60 -19.96
CA LEU A 615 -15.79 4.31 -19.78
C LEU A 615 -14.30 4.45 -20.06
N HIS A 616 -13.48 3.82 -19.23
CA HIS A 616 -12.04 3.92 -19.43
C HIS A 616 -11.67 3.29 -20.76
N PRO A 617 -10.73 3.90 -21.51
CA PRO A 617 -10.45 3.41 -22.88
C PRO A 617 -9.99 1.96 -22.93
N SER A 618 -9.42 1.43 -21.86
CA SER A 618 -9.01 0.03 -21.81
C SER A 618 -10.18 -0.96 -21.67
N THR A 619 -11.42 -0.48 -21.59
CA THR A 619 -12.56 -1.37 -21.41
C THR A 619 -12.71 -2.30 -22.60
N VAL A 620 -13.13 -3.54 -22.34
CA VAL A 620 -13.46 -4.40 -23.47
C VAL A 620 -14.84 -4.10 -24.04
N LEU A 621 -15.68 -3.34 -23.33
CA LEU A 621 -17.05 -3.12 -23.81
C LEU A 621 -17.04 -2.47 -25.19
N ASP A 622 -17.68 -3.11 -26.14
CA ASP A 622 -17.74 -2.53 -27.49
C ASP A 622 -19.00 -1.71 -27.70
N HIS A 623 -19.76 -1.47 -26.63
CA HIS A 623 -21.00 -0.69 -26.69
C HIS A 623 -21.21 -0.07 -25.31
N LYS A 624 -22.17 0.85 -25.22
CA LYS A 624 -22.35 1.54 -23.95
C LYS A 624 -23.59 1.01 -23.23
N PRO A 625 -23.46 0.11 -22.27
CA PRO A 625 -24.63 -0.34 -21.52
C PRO A 625 -25.30 0.82 -20.79
N GLU A 626 -26.63 0.76 -20.70
CA GLU A 626 -27.36 1.82 -20.00
C GLU A 626 -26.95 1.95 -18.54
N TRP A 627 -26.59 0.83 -17.92
CA TRP A 627 -26.19 0.79 -16.51
C TRP A 627 -24.89 -0.01 -16.39
N VAL A 628 -23.84 0.60 -15.84
CA VAL A 628 -22.57 -0.09 -15.64
C VAL A 628 -22.17 0.00 -14.18
N LEU A 629 -21.66 -1.11 -13.68
CA LEU A 629 -20.98 -1.15 -12.40
C LEU A 629 -19.47 -1.07 -12.63
N TYR A 630 -18.76 -0.28 -11.84
CA TYR A 630 -17.34 -0.06 -12.11
C TYR A 630 -16.50 -0.29 -10.86
N ASN A 631 -15.25 -0.73 -11.06
CA ASN A 631 -14.36 -1.04 -9.95
C ASN A 631 -13.58 0.18 -9.46
N GLU A 632 -13.18 1.07 -10.35
CA GLU A 632 -12.22 2.11 -10.04
C GLU A 632 -12.62 3.42 -10.71
N PHE A 633 -12.58 4.52 -9.96
CA PHE A 633 -12.73 5.85 -10.53
C PHE A 633 -11.34 6.39 -10.86
N VAL A 634 -11.13 6.84 -12.10
CA VAL A 634 -9.81 7.29 -12.57
C VAL A 634 -9.88 8.79 -12.84
N LEU A 635 -9.10 9.56 -12.11
CA LEU A 635 -9.27 11.01 -12.05
C LEU A 635 -8.08 11.67 -12.72
N THR A 636 -8.12 11.69 -14.06
CA THR A 636 -7.11 12.39 -14.81
C THR A 636 -7.71 13.66 -15.40
N THR A 637 -7.33 14.02 -16.62
CA THR A 637 -7.90 15.20 -17.26
C THR A 637 -9.41 15.05 -17.43
N LYS A 638 -9.86 13.84 -17.73
CA LYS A 638 -11.26 13.49 -17.72
C LYS A 638 -11.51 12.53 -16.58
N ASN A 639 -12.76 12.31 -16.24
CA ASN A 639 -13.09 11.28 -15.27
C ASN A 639 -13.38 10.01 -16.04
N TYR A 640 -12.72 8.93 -15.69
CA TYR A 640 -13.02 7.65 -16.29
C TYR A 640 -13.47 6.72 -15.20
N ILE A 641 -14.26 5.72 -15.57
CA ILE A 641 -14.56 4.61 -14.69
C ILE A 641 -13.98 3.37 -15.35
N ARG A 642 -13.21 2.61 -14.59
CA ARG A 642 -12.44 1.52 -15.13
C ARG A 642 -12.89 0.22 -14.49
N THR A 643 -12.84 -0.84 -15.32
CA THR A 643 -13.31 -2.18 -15.05
C THR A 643 -14.83 -2.13 -14.87
N CYS A 644 -15.53 -2.29 -15.97
CA CYS A 644 -16.94 -1.93 -16.10
C CYS A 644 -17.73 -3.15 -16.56
N THR A 645 -18.87 -3.37 -15.92
CA THR A 645 -19.76 -4.49 -16.23
C THR A 645 -21.19 -3.98 -16.44
N ASP A 646 -21.82 -4.52 -17.50
CA ASP A 646 -23.23 -4.27 -17.76
C ASP A 646 -24.09 -4.87 -16.65
N ILE A 647 -24.96 -4.06 -16.04
CA ILE A 647 -25.89 -4.58 -15.03
C ILE A 647 -27.31 -4.13 -15.35
N LYS A 648 -28.29 -4.86 -14.78
CA LYS A 648 -29.68 -4.43 -14.97
C LYS A 648 -30.14 -3.56 -13.81
N PRO A 649 -30.84 -2.44 -14.06
CA PRO A 649 -31.25 -1.58 -12.94
C PRO A 649 -32.21 -2.26 -11.95
N GLU A 650 -33.01 -3.24 -12.36
CA GLU A 650 -33.85 -3.88 -11.36
C GLU A 650 -33.04 -4.63 -10.30
N TRP A 651 -31.77 -4.98 -10.57
CA TRP A 651 -30.94 -5.62 -9.57
C TRP A 651 -30.56 -4.64 -8.46
N LEU A 652 -30.43 -3.35 -8.80
CA LEU A 652 -30.09 -2.33 -7.83
C LEU A 652 -31.17 -2.20 -6.76
N VAL A 653 -32.43 -2.14 -7.19
CA VAL A 653 -33.50 -1.94 -6.23
C VAL A 653 -33.73 -3.20 -5.42
N LYS A 654 -33.62 -4.38 -6.04
CA LYS A 654 -33.79 -5.63 -5.31
C LYS A 654 -32.64 -5.97 -4.37
N ILE A 655 -31.41 -5.63 -4.71
CA ILE A 655 -30.26 -6.08 -3.91
C ILE A 655 -29.83 -5.03 -2.89
N ALA A 656 -29.94 -3.75 -3.23
CA ALA A 656 -29.42 -2.68 -2.36
C ALA A 656 -30.44 -1.55 -2.25
N PRO A 657 -31.66 -1.85 -1.82
CA PRO A 657 -32.69 -0.82 -1.80
C PRO A 657 -32.45 0.27 -0.76
N GLN A 658 -31.67 -0.02 0.30
CA GLN A 658 -31.29 1.03 1.24
C GLN A 658 -30.58 2.16 0.53
N TYR A 659 -29.68 1.82 -0.41
CA TYR A 659 -29.01 2.87 -1.17
C TYR A 659 -29.92 3.41 -2.28
N TYR A 660 -30.62 2.52 -2.98
CA TYR A 660 -31.53 2.96 -4.02
C TYR A 660 -32.91 3.26 -3.40
N ASP A 661 -32.86 4.25 -2.51
CA ASP A 661 -33.98 4.74 -1.73
C ASP A 661 -34.53 5.95 -2.45
N MET A 662 -35.72 5.85 -3.02
CA MET A 662 -36.18 6.92 -3.89
C MET A 662 -36.66 8.14 -3.13
N SER A 663 -36.73 8.08 -1.80
CA SER A 663 -37.07 9.27 -1.04
C SER A 663 -35.90 10.24 -0.88
N ASN A 664 -34.66 9.85 -1.19
CA ASN A 664 -33.56 10.81 -1.19
C ASN A 664 -32.78 10.85 -2.50
N PHE A 665 -33.00 9.91 -3.39
CA PHE A 665 -32.30 9.87 -4.66
C PHE A 665 -32.55 11.16 -5.44
N PRO A 666 -31.51 11.80 -5.96
CA PRO A 666 -31.69 13.08 -6.67
C PRO A 666 -32.40 12.85 -7.99
N GLN A 667 -33.03 13.91 -8.47
CA GLN A 667 -33.70 13.86 -9.78
C GLN A 667 -32.68 13.76 -10.90
N CYS A 668 -32.89 12.79 -11.80
CA CYS A 668 -31.98 12.51 -12.91
C CYS A 668 -32.66 11.44 -13.76
N GLU A 669 -32.07 11.15 -14.93
CA GLU A 669 -32.67 10.11 -15.79
C GLU A 669 -32.67 8.76 -15.08
N ALA A 670 -31.61 8.48 -14.31
CA ALA A 670 -31.51 7.22 -13.56
C ALA A 670 -32.68 7.05 -12.61
N LYS A 671 -33.03 8.11 -11.88
CA LYS A 671 -34.16 8.01 -10.95
C LYS A 671 -35.46 7.78 -11.70
N ARG A 672 -35.61 8.40 -12.87
CA ARG A 672 -36.84 8.20 -13.63
C ARG A 672 -37.02 6.73 -13.99
N GLN A 673 -35.93 6.06 -14.38
CA GLN A 673 -36.01 4.65 -14.74
C GLN A 673 -36.31 3.79 -13.51
N LEU A 674 -35.64 4.08 -12.40
CA LEU A 674 -35.85 3.35 -11.17
C LEU A 674 -37.27 3.53 -10.64
N ASP A 675 -37.82 4.75 -10.71
CA ASP A 675 -39.23 4.95 -10.37
C ASP A 675 -40.15 4.05 -11.21
N ARG A 676 -39.91 4.01 -12.53
CA ARG A 676 -40.74 3.17 -13.41
C ARG A 676 -40.66 1.72 -12.96
N ILE A 677 -39.45 1.25 -12.70
CA ILE A 677 -39.26 -0.12 -12.22
C ILE A 677 -40.02 -0.34 -10.92
N ILE A 678 -39.87 0.59 -9.98
CA ILE A 678 -40.45 0.43 -8.65
C ILE A 678 -41.98 0.48 -8.71
N ALA A 679 -42.54 1.37 -9.54
CA ALA A 679 -43.99 1.44 -9.65
C ALA A 679 -44.55 0.19 -10.32
N LYS A 680 -43.84 -0.35 -11.31
CA LYS A 680 -44.24 -1.60 -11.93
C LYS A 680 -44.25 -2.74 -10.93
N LEU A 681 -43.23 -2.83 -10.07
CA LEU A 681 -43.23 -3.89 -9.07
C LEU A 681 -44.48 -3.84 -8.19
N GLN A 682 -45.04 -2.64 -7.98
CA GLN A 682 -46.19 -2.44 -7.11
C GLN A 682 -47.53 -2.35 -7.84
N SER A 683 -47.54 -2.30 -9.17
CA SER A 683 -48.76 -2.05 -9.93
C SER A 683 -49.93 -2.99 -9.63
N ASN B 17 -28.62 10.97 5.75
CA ASN B 17 -27.86 11.41 6.91
C ASN B 17 -27.48 10.23 7.79
N ILE B 18 -27.50 9.03 7.21
CA ILE B 18 -27.28 7.81 7.98
C ILE B 18 -25.90 7.81 8.63
N GLY B 19 -24.90 8.42 7.98
CA GLY B 19 -23.57 8.48 8.57
C GLY B 19 -23.47 9.51 9.68
N ASN B 20 -24.27 10.59 9.60
CA ASN B 20 -24.29 11.59 10.66
C ASN B 20 -25.05 11.10 11.88
N GLN B 21 -26.04 10.22 11.69
CA GLN B 21 -26.72 9.61 12.83
C GLN B 21 -25.77 8.69 13.59
N LEU B 22 -25.09 7.80 12.87
CA LEU B 22 -24.15 6.88 13.50
C LEU B 22 -23.03 7.63 14.21
N LEU B 23 -22.68 8.81 13.72
CA LEU B 23 -21.63 9.60 14.34
C LEU B 23 -22.10 10.25 15.63
N ARG B 24 -23.25 10.91 15.59
CA ARG B 24 -23.79 11.49 16.81
C ARG B 24 -24.20 10.41 17.81
N LYS B 25 -24.57 9.22 17.32
CA LYS B 25 -24.84 8.11 18.23
C LYS B 25 -23.59 7.68 18.99
N MET B 26 -22.42 7.74 18.33
CA MET B 26 -21.14 7.51 18.98
C MET B 26 -20.80 8.53 20.05
N GLY B 27 -21.52 9.66 20.07
CA GLY B 27 -21.24 10.72 21.03
C GLY B 27 -20.72 12.00 20.41
N TRP B 28 -20.65 12.07 19.07
CA TRP B 28 -20.16 13.27 18.41
C TRP B 28 -21.13 14.42 18.63
N THR B 29 -20.59 15.57 19.04
CA THR B 29 -21.40 16.75 19.20
C THR B 29 -21.30 17.58 17.93
N GLY B 30 -20.17 18.27 17.77
CA GLY B 30 -19.83 18.99 16.56
C GLY B 30 -18.33 19.23 16.58
N GLY B 31 -17.84 19.89 15.55
CA GLY B 31 -16.43 20.20 15.51
C GLY B 31 -15.55 18.95 15.33
N GLY B 32 -14.26 19.14 15.63
CA GLY B 32 -13.27 18.12 15.30
C GLY B 32 -13.36 16.88 16.17
N LEU B 33 -12.83 15.79 15.63
CA LEU B 33 -12.76 14.50 16.32
C LEU B 33 -11.56 14.50 17.26
N GLY B 34 -11.21 13.33 17.79
CA GLY B 34 -10.08 13.17 18.69
C GLY B 34 -10.50 13.18 20.15
N LYS B 35 -9.57 12.77 21.02
CA LYS B 35 -9.91 12.66 22.43
C LYS B 35 -10.16 14.01 23.09
N SER B 36 -9.76 15.12 22.44
CA SER B 36 -9.98 16.47 22.98
C SER B 36 -10.74 17.37 22.01
N GLY B 37 -11.31 16.82 20.93
CA GLY B 37 -11.99 17.64 19.94
C GLY B 37 -11.10 18.53 19.12
N GLU B 38 -9.81 18.20 19.02
CA GLU B 38 -8.78 19.04 18.43
C GLU B 38 -8.62 18.82 16.92
N GLY B 39 -9.39 17.92 16.32
CA GLY B 39 -9.16 17.56 14.95
C GLY B 39 -9.63 18.62 13.97
N ILE B 40 -9.08 18.56 12.75
CA ILE B 40 -9.51 19.46 11.69
C ILE B 40 -10.99 19.26 11.43
N ARG B 41 -11.69 20.36 11.17
CA ARG B 41 -13.14 20.27 10.97
C ARG B 41 -13.48 19.84 9.55
N GLU B 42 -12.74 20.34 8.55
CA GLU B 42 -13.05 20.04 7.17
C GLU B 42 -11.97 19.15 6.54
N PRO B 43 -12.35 18.29 5.61
CA PRO B 43 -11.37 17.48 4.89
C PRO B 43 -10.44 18.32 4.04
N ILE B 44 -9.20 17.86 3.92
CA ILE B 44 -8.19 18.54 3.11
C ILE B 44 -8.39 18.17 1.65
N SER B 45 -8.15 19.13 0.76
CA SER B 45 -8.29 18.92 -0.67
C SER B 45 -6.90 18.80 -1.30
N VAL B 46 -6.68 17.72 -2.05
CA VAL B 46 -5.40 17.42 -2.67
C VAL B 46 -5.44 17.83 -4.13
N LYS B 47 -4.45 18.62 -4.57
CA LYS B 47 -4.38 19.09 -5.95
C LYS B 47 -3.73 18.03 -6.84
N GLU B 48 -4.45 17.57 -7.86
CA GLU B 48 -3.93 16.50 -8.71
C GLU B 48 -3.08 17.04 -9.84
N GLN B 49 -2.12 16.22 -10.28
CA GLN B 49 -1.24 16.58 -11.38
C GLN B 49 -1.74 15.93 -12.68
N HIS B 50 -1.84 16.74 -13.73
CA HIS B 50 -2.31 16.25 -15.02
C HIS B 50 -1.13 16.01 -15.95
N LYS B 51 -1.15 14.86 -16.63
CA LYS B 51 -0.11 14.46 -17.56
C LYS B 51 1.22 14.47 -16.80
N ARG B 52 2.29 14.99 -17.38
CA ARG B 52 3.58 14.95 -16.72
C ARG B 52 4.18 16.34 -16.59
N GLU B 53 3.32 17.35 -16.47
CA GLU B 53 3.80 18.72 -16.30
C GLU B 53 4.65 18.84 -15.03
N GLY B 54 5.79 19.49 -15.15
CA GLY B 54 6.66 19.68 -14.02
C GLY B 54 6.05 20.58 -12.96
N LEU B 55 6.57 20.46 -11.75
CA LEU B 55 6.06 21.20 -10.60
C LEU B 55 6.17 22.70 -10.85
N GLY B 56 5.04 23.42 -10.75
CA GLY B 56 5.05 24.85 -10.92
C GLY B 56 4.79 25.37 -12.32
N LEU B 57 4.54 24.50 -13.29
CA LEU B 57 4.19 24.95 -14.64
C LEU B 57 2.88 25.76 -14.66
PB ADP C . 17.66 2.39 8.81
O1B ADP C . 18.09 3.31 10.03
O2B ADP C . 16.47 1.57 9.13
O3B ADP C . 17.47 3.44 7.63
PA ADP C . 19.03 -0.10 8.22
O1A ADP C . 18.94 -0.99 9.41
O2A ADP C . 17.92 -0.50 7.19
O3A ADP C . 18.93 1.47 8.51
O5' ADP C . 20.39 -0.35 7.33
C5' ADP C . 21.64 0.33 7.44
C4' ADP C . 22.67 -0.38 6.48
O4' ADP C . 22.48 -1.78 6.52
C3' ADP C . 22.45 -0.06 5.01
O3' ADP C . 23.05 1.21 4.69
C2' ADP C . 23.32 -1.11 4.39
O2' ADP C . 24.70 -0.77 4.67
C1' ADP C . 22.93 -2.32 5.24
N9 ADP C . 21.82 -3.07 4.65
C8 ADP C . 20.53 -2.96 4.98
N7 ADP C . 19.86 -3.82 4.23
C5 ADP C . 20.72 -4.45 3.42
C6 ADP C . 20.55 -5.38 2.48
N6 ADP C . 19.31 -5.82 2.24
N1 ADP C . 21.57 -5.88 1.78
C2 ADP C . 22.85 -5.40 2.05
N3 ADP C . 23.00 -4.43 3.04
C4 ADP C . 21.93 -3.98 3.70
C1 EDO D . 16.08 -2.33 4.58
O1 EDO D . 17.38 -1.77 4.78
C2 EDO D . 16.16 -3.42 3.51
O2 EDO D . 17.10 -4.43 3.90
MG MG E . 14.60 1.40 8.38
#